data_7WLK
#
_entry.id   7WLK
#
_cell.length_a   1.00
_cell.length_b   1.00
_cell.length_c   1.00
_cell.angle_alpha   90.00
_cell.angle_beta   90.00
_cell.angle_gamma   90.00
#
_symmetry.space_group_name_H-M   'P 1'
#
loop_
_entity.id
_entity.type
_entity.pdbx_description
1 polymer 'Voltage-dependent T-type calcium channel subunit alpha-1I'
2 non-polymer '2-[diethyl(methyl)-$l^{4}-azanyl]ethyl 4-[(2-octoxyphenyl)carbonylamino]benzoate'
3 non-polymer 1,2-Distearoyl-sn-glycerophosphoethanolamine
4 non-polymer 'CALCIUM ION'
5 non-polymer 'CHOLESTEROL HEMISUCCINATE'
6 non-polymer 2-acetamido-2-deoxy-beta-D-glucopyranose
#
_entity_poly.entity_id   1
_entity_poly.type   'polypeptide(L)'
_entity_poly.pdbx_seq_one_letter_code
;MAESASPPSSSAAAPAAEPGVTTEQPGPRSPPSSPPGLEEPLDGADPHVPHPDLAPIAFFCLRQTTSPRNWCIKMVCNPW
FECVSMLVILLNCVTLGMYQPCDDMDCLSDRCKILQVFDDFIFIFFAMEMVLKMVALGIFGKKCYLGDTWNRLDFFIVMA
GMVEYSLDLQNINLSAIRTVRVLRPLKAINRVPSMRILVNLLLDTLPMLGNVLLLCFFVFFIFGIIGVQLWAGLLRNRCF
LEENFTIQGDVALPPYYQPEEDDEMPFICSLSGDNGIMGCHEIPPLKEQGRECCLSKDDVYDFGAGRQDLNASGLCVNWN
RYYNVCRTGSANPHKGAINFDNIGYAWIVIFQVITLEGWVEIMYYVMDAHSFYNFIYFILLIIVGSFFMINLCLVVIATQ
FSETKQREHRLMLEQRQRYLSSSTVASYAEPGDCYEEIFQYVCHILRKAKRRALGLYQALQSRRQALGPEAPAPAKPGPH
AKEPRHYHGKTKGQGDEGRHLGSRHCQTLHGPASPGNDHSGRELCPQHSPLDATPHTLVQPIPATLASDPASCPCCQHED
GRRPSGLGSTDSGQEGSGSGSSAGGEDEADGDGARSSEDGASSELGKEEEEEEQADGAVWLCGDVWRETRAKLRGIVDSK
YFNRGIMMAILVNTVSMGIEHHEQPEELTNILEICNVVFTSMFALEMILKLAAFGLFDYLRNPYNIFDSIIVIISIWEIV
GQADGGLSVLRTFRLLRVLKLVRFMPALRRQLVVLMKTMDNVATFCMLLMLFIFIFSILGMHIFGCKFSLRTDTGDTVPD
RKNFDSLLWAIVTVFQILTQEDWNVVLYNGMASTSPWASLYFVALMTFGNYVLFNLLVAILVEGFQAEGDANRSYSDEDQ
SSSNIEEFDKLQEGLDSSGDPKLCPIPMTPNGHLDPSLPLGGHLGPAGAAGPAPRLSLQPDPMLVALGSRKSSVMSLGRM
SYDQRSLSSSRSSYYGPWGRSAAWASRRSSWNSLKHKPPSAEHESLLSAERGGGARVCEVAADEGPPRAAPLHTPHAHHI
HHGPHLAHRHRHHRRTLSLDNRDSVDLAELVPAVGAHPRAAWRAAGPAPGHEDCNGRMPSIAKDVFTKMGDRGDRGEDEE
EIDYTLCFRVRKMIDVYKPDWCEVREDWSVYLFSPENRFRVLCQTIIAHKLFDYVVLAFIFLNCITIALERPQIEAGSTE
RIFLTVSNYIFTAIFVGEMTLKVVSLGLYFGEQAYLRSSWNVLDGFLVFVSIIDIVVSLASAGGAKILGVLRVLRLLRTL
RPLRVISRAPGLKLVVETLISSLKPIGNIVLICCAFFIIFGILGVQLFKGKFYHCLGVDTRNITNRSDCMAANYRWVHHK
YNFDNLGQALMSLFVLASKDGWVNIMYNGLDAVAVDQQPVTNHNPWMLLYFISFLLIVSFFVLNMFVGVVVENFHKCRQH
QEAEEARRREEKRLRRLEKKRRKAQRLPYYATYCHTRLLIHSMCTSHYLDIFITFIICLNVVTMSLEHYNQPTSLETALK
YCNYMFTTVFVLEAVLKLVAFGLRRFFKDRWNQLDLAIVLLSVMGITLEEIEINAALPINPTIIRIMRVLRIARVLKLLK
MATGMRALLDTVVQALPQVGNLGLLFMLLFFIYAALGVELFGKLVCNDENPCEGMSRHATFENFGMAFLTLFQVSTGDNW
NGIMKDTLRDCTHDERSCLSSLQFVSPLYFVSFVLTAQFVLINVVVAVLMKHLDDSNKEAQEDAEMDAELELEMAHGLGP
GPRLPTGSPGAPGRGPGGAGGGGDTEGGLCRRCYSPAQENLWLDSVSLIIKDSLEGELTIIDNLSGSIFHHYSSPAGCKK
CHHDKQEVQLAETEAFSLNSDRSSSILLGDDLSLEDPTACPPGRKDSKGELDPPEPMRVGDLGECFFPLSSTAVSPDPEN
FLCEMEEIPFNPVRSWLKHDSSQAPPSPFSPDASSPLLPMPAEFFHPAVSASQKGPEKGTGTGTLPKIALQGSWASLRSP
RVNCTLLRQATGSDTSLDASPSSSAGSLQTTLEDSLTLSDSPRRALGPPAPAPGPRAGLSPAARRRLSLRGRGLFSLRGL
RAHQRSHSSGGSTSPGCTHHDSMDPSDEEGRGGAGGGGAGSEHSETLSSLSLTSLFCPPPPPPAPGLTPARKFSSTSSLA
APGRPHAAALAHGLARSPSWAADRSKDPPGRAPLPMGLGPLAPPPQPLPGELEPGDAASKRKR
;
_entity_poly.pdbx_strand_id   A
#
# COMPACT_ATOMS: atom_id res chain seq x y z
N THR A 66 43.10 -7.27 -35.96
CA THR A 66 44.03 -8.19 -36.60
C THR A 66 43.31 -9.18 -37.49
N SER A 67 44.06 -10.00 -38.22
CA SER A 67 43.45 -11.01 -39.10
C SER A 67 42.59 -12.00 -38.34
N PRO A 68 43.04 -12.61 -37.24
CA PRO A 68 42.12 -13.50 -36.49
C PRO A 68 40.88 -12.79 -35.98
N ARG A 69 41.01 -11.54 -35.54
CA ARG A 69 39.83 -10.75 -35.24
C ARG A 69 39.00 -10.54 -36.49
N ASN A 70 39.66 -10.28 -37.61
CA ASN A 70 38.97 -9.91 -38.85
C ASN A 70 38.05 -11.01 -39.32
N TRP A 71 38.49 -12.27 -39.30
CA TRP A 71 37.66 -13.36 -39.83
C TRP A 71 36.42 -13.57 -38.96
N CYS A 72 36.37 -12.95 -37.78
CA CYS A 72 35.28 -13.17 -36.85
C CYS A 72 34.48 -11.91 -36.53
N ILE A 73 35.06 -10.71 -36.67
CA ILE A 73 34.36 -9.52 -36.22
C ILE A 73 33.11 -9.28 -37.07
N LYS A 74 33.11 -9.74 -38.32
CA LYS A 74 31.96 -9.51 -39.17
C LYS A 74 30.70 -10.16 -38.58
N MET A 75 30.80 -11.39 -38.11
CA MET A 75 29.63 -12.06 -37.55
C MET A 75 29.19 -11.40 -36.26
N VAL A 76 30.13 -10.86 -35.48
CA VAL A 76 29.80 -10.31 -34.17
C VAL A 76 28.85 -9.12 -34.32
N CYS A 77 29.12 -8.24 -35.28
CA CYS A 77 28.22 -7.12 -35.51
C CYS A 77 27.11 -7.44 -36.49
N ASN A 78 27.05 -8.67 -36.99
CA ASN A 78 25.90 -9.10 -37.79
C ASN A 78 24.66 -9.17 -36.91
N PRO A 79 23.58 -8.49 -37.25
CA PRO A 79 22.37 -8.57 -36.42
C PRO A 79 21.81 -9.98 -36.31
N TRP A 80 22.10 -10.86 -37.26
CA TRP A 80 21.62 -12.23 -37.14
C TRP A 80 22.31 -12.95 -36.00
N PHE A 81 23.52 -12.52 -35.63
CA PHE A 81 24.12 -13.02 -34.41
C PHE A 81 23.29 -12.66 -33.19
N GLU A 82 22.84 -11.41 -33.09
CA GLU A 82 21.95 -11.05 -32.00
C GLU A 82 20.64 -11.83 -32.07
N CYS A 83 20.14 -12.08 -33.27
CA CYS A 83 18.90 -12.84 -33.41
C CYS A 83 19.06 -14.25 -32.87
N VAL A 84 20.13 -14.94 -33.27
CA VAL A 84 20.32 -16.31 -32.80
C VAL A 84 20.66 -16.32 -31.31
N SER A 85 21.34 -15.28 -30.82
CA SER A 85 21.59 -15.17 -29.39
C SER A 85 20.28 -15.03 -28.62
N MET A 86 19.37 -14.20 -29.13
CA MET A 86 18.07 -14.08 -28.49
C MET A 86 17.31 -15.40 -28.55
N LEU A 87 17.44 -16.14 -29.66
CA LEU A 87 16.77 -17.43 -29.75
C LEU A 87 17.29 -18.39 -28.69
N VAL A 88 18.61 -18.44 -28.49
CA VAL A 88 19.12 -19.35 -27.47
C VAL A 88 18.81 -18.85 -26.07
N ILE A 89 18.76 -17.52 -25.86
CA ILE A 89 18.34 -17.00 -24.56
C ILE A 89 16.91 -17.42 -24.25
N LEU A 90 16.02 -17.28 -25.23
CA LEU A 90 14.64 -17.68 -25.02
C LEU A 90 14.53 -19.18 -24.80
N LEU A 91 15.30 -19.98 -25.55
CA LEU A 91 15.26 -21.42 -25.33
C LEU A 91 15.75 -21.75 -23.92
N ASN A 92 16.75 -21.02 -23.45
CA ASN A 92 17.24 -21.24 -22.09
C ASN A 92 16.19 -20.85 -21.07
N CYS A 93 15.45 -19.75 -21.31
CA CYS A 93 14.36 -19.39 -20.41
C CYS A 93 13.29 -20.46 -20.38
N VAL A 94 13.00 -21.05 -21.53
CA VAL A 94 12.03 -22.15 -21.55
C VAL A 94 12.54 -23.33 -20.73
N THR A 95 13.81 -23.69 -20.90
CA THR A 95 14.34 -24.82 -20.14
C THR A 95 14.34 -24.53 -18.64
N LEU A 96 14.59 -23.28 -18.25
CA LEU A 96 14.49 -22.90 -16.84
C LEU A 96 13.05 -22.92 -16.36
N GLY A 97 12.10 -22.67 -17.25
CA GLY A 97 10.70 -22.65 -16.86
C GLY A 97 10.10 -24.02 -16.65
N MET A 98 10.78 -25.07 -17.10
CA MET A 98 10.25 -26.42 -16.94
C MET A 98 10.77 -27.12 -15.70
N TYR A 99 11.51 -26.42 -14.84
CA TYR A 99 11.92 -26.99 -13.58
C TYR A 99 10.70 -27.37 -12.74
N GLN A 100 10.75 -28.55 -12.11
CA GLN A 100 9.70 -28.98 -11.19
C GLN A 100 10.36 -29.53 -9.93
N PRO A 101 10.75 -28.66 -8.99
CA PRO A 101 11.46 -29.16 -7.81
C PRO A 101 10.67 -30.17 -7.00
N CYS A 102 9.34 -30.05 -6.98
CA CYS A 102 8.53 -30.97 -6.21
C CYS A 102 8.58 -32.38 -6.79
N ASP A 103 8.87 -32.51 -8.08
CA ASP A 103 8.88 -33.80 -8.75
C ASP A 103 10.23 -34.18 -9.33
N ASP A 104 11.01 -33.20 -9.79
CA ASP A 104 12.29 -33.46 -10.45
C ASP A 104 13.35 -33.82 -9.41
N MET A 105 13.28 -35.06 -8.94
CA MET A 105 14.20 -35.55 -7.92
C MET A 105 15.40 -36.20 -8.58
N ASP A 106 16.47 -35.44 -8.73
CA ASP A 106 17.78 -35.90 -9.19
C ASP A 106 17.78 -36.34 -10.66
N CYS A 107 16.80 -35.89 -11.44
CA CYS A 107 16.77 -36.09 -12.89
C CYS A 107 16.66 -37.57 -13.27
N LEU A 108 15.77 -38.29 -12.62
CA LEU A 108 15.46 -39.68 -12.99
C LEU A 108 14.22 -39.73 -13.87
N SER A 109 14.25 -38.99 -14.97
CA SER A 109 13.09 -38.89 -15.85
C SER A 109 13.56 -38.59 -17.27
N ASP A 110 12.68 -38.91 -18.23
CA ASP A 110 12.98 -38.61 -19.63
C ASP A 110 12.99 -37.10 -19.87
N ARG A 111 11.98 -36.40 -19.35
CA ARG A 111 11.95 -34.96 -19.49
C ARG A 111 13.15 -34.30 -18.85
N CYS A 112 13.56 -34.75 -17.65
CA CYS A 112 14.73 -34.18 -17.02
C CYS A 112 15.98 -34.39 -17.87
N LYS A 113 16.12 -35.59 -18.45
CA LYS A 113 17.28 -35.85 -19.29
C LYS A 113 17.30 -34.95 -20.51
N ILE A 114 16.15 -34.77 -21.18
CA ILE A 114 16.12 -33.92 -22.37
C ILE A 114 16.42 -32.48 -22.01
N LEU A 115 15.86 -32.00 -20.88
CA LEU A 115 16.14 -30.64 -20.45
C LEU A 115 17.61 -30.46 -20.13
N GLN A 116 18.25 -31.47 -19.50
CA GLN A 116 19.67 -31.36 -19.22
C GLN A 116 20.48 -31.36 -20.51
N VAL A 117 20.04 -32.11 -21.52
CA VAL A 117 20.75 -32.11 -22.81
C VAL A 117 20.71 -30.72 -23.44
N PHE A 118 19.53 -30.12 -23.52
CA PHE A 118 19.49 -28.75 -24.04
C PHE A 118 20.26 -27.78 -23.16
N ASP A 119 20.29 -28.01 -21.84
CA ASP A 119 21.09 -27.13 -21.00
C ASP A 119 22.55 -27.21 -21.37
N ASP A 120 23.05 -28.42 -21.65
CA ASP A 120 24.44 -28.57 -22.09
C ASP A 120 24.66 -27.88 -23.43
N PHE A 121 23.72 -28.04 -24.36
CA PHE A 121 23.88 -27.36 -25.67
C PHE A 121 23.92 -25.85 -25.49
N ILE A 122 23.05 -25.32 -24.63
CA ILE A 122 22.99 -23.88 -24.38
C ILE A 122 24.31 -23.41 -23.78
N PHE A 123 24.86 -24.18 -22.85
CA PHE A 123 26.14 -23.79 -22.28
C PHE A 123 27.24 -23.81 -23.33
N ILE A 124 27.25 -24.80 -24.20
CA ILE A 124 28.23 -24.81 -25.29
C ILE A 124 28.13 -23.54 -26.10
N PHE A 125 26.91 -23.16 -26.48
CA PHE A 125 26.77 -21.98 -27.32
C PHE A 125 27.17 -20.73 -26.57
N PHE A 126 26.84 -20.63 -25.28
CA PHE A 126 27.20 -19.43 -24.52
C PHE A 126 28.70 -19.29 -24.40
N ALA A 127 29.39 -20.40 -24.10
CA ALA A 127 30.84 -20.34 -24.04
C ALA A 127 31.42 -19.95 -25.40
N MET A 128 30.86 -20.49 -26.48
CA MET A 128 31.36 -20.15 -27.81
C MET A 128 31.19 -18.67 -28.11
N GLU A 129 30.00 -18.12 -27.87
CA GLU A 129 29.80 -16.71 -28.16
C GLU A 129 30.68 -15.84 -27.26
N MET A 130 30.87 -16.24 -26.01
CA MET A 130 31.74 -15.49 -25.12
C MET A 130 33.17 -15.45 -25.67
N VAL A 131 33.72 -16.62 -26.00
CA VAL A 131 35.12 -16.63 -26.44
C VAL A 131 35.26 -15.96 -27.80
N LEU A 132 34.25 -16.07 -28.66
CA LEU A 132 34.35 -15.43 -29.97
C LEU A 132 34.30 -13.91 -29.85
N LYS A 133 33.41 -13.38 -29.02
CA LYS A 133 33.45 -11.94 -28.78
C LYS A 133 34.73 -11.55 -28.04
N MET A 134 35.34 -12.49 -27.32
CA MET A 134 36.64 -12.23 -26.72
C MET A 134 37.72 -12.06 -27.78
N VAL A 135 37.72 -12.92 -28.80
CA VAL A 135 38.78 -12.90 -29.80
C VAL A 135 38.39 -11.89 -30.88
N ALA A 136 37.35 -11.11 -30.62
CA ALA A 136 36.94 -10.05 -31.52
C ALA A 136 36.89 -8.67 -30.88
N LEU A 137 37.11 -8.55 -29.58
CA LEU A 137 37.09 -7.25 -28.93
C LEU A 137 38.30 -6.98 -28.06
N GLY A 138 39.00 -7.99 -27.58
CA GLY A 138 40.08 -7.79 -26.63
C GLY A 138 39.57 -7.74 -25.20
N ILE A 139 40.53 -7.68 -24.27
CA ILE A 139 40.23 -7.77 -22.84
C ILE A 139 40.78 -6.54 -22.15
N PHE A 140 40.09 -6.10 -21.09
CA PHE A 140 40.56 -5.04 -20.21
C PHE A 140 40.73 -3.71 -20.93
N GLY A 141 39.64 -3.19 -21.47
CA GLY A 141 39.70 -1.88 -22.11
C GLY A 141 38.31 -1.37 -22.40
N LYS A 142 38.22 -0.06 -22.65
CA LYS A 142 36.94 0.56 -22.93
C LYS A 142 36.33 0.01 -24.22
N LYS A 143 37.15 -0.16 -25.26
CA LYS A 143 36.67 -0.79 -26.48
C LYS A 143 36.68 -2.31 -26.37
N CYS A 144 37.36 -2.85 -25.36
CA CYS A 144 37.52 -4.30 -25.23
C CYS A 144 36.21 -4.96 -24.83
N TYR A 145 36.27 -6.29 -24.71
CA TYR A 145 35.07 -7.07 -24.42
C TYR A 145 34.46 -6.68 -23.09
N LEU A 146 35.29 -6.48 -22.06
CA LEU A 146 34.77 -6.02 -20.79
C LEU A 146 34.55 -4.52 -20.83
N GLY A 147 33.86 -4.05 -21.85
CA GLY A 147 33.55 -2.64 -22.01
C GLY A 147 32.16 -2.30 -21.54
N ASP A 148 31.18 -3.14 -21.87
CA ASP A 148 29.83 -2.94 -21.36
C ASP A 148 29.71 -3.54 -19.97
N THR A 149 28.79 -2.98 -19.19
CA THR A 149 28.43 -3.59 -17.91
C THR A 149 27.87 -4.98 -18.13
N TRP A 150 27.10 -5.16 -19.20
CA TRP A 150 26.43 -6.43 -19.46
C TRP A 150 27.38 -7.50 -19.96
N ASN A 151 28.45 -7.13 -20.68
CA ASN A 151 29.44 -8.13 -21.09
C ASN A 151 30.14 -8.71 -19.88
N ARG A 152 30.41 -7.89 -18.86
CA ARG A 152 30.92 -8.42 -17.61
C ARG A 152 29.94 -9.41 -17.00
N LEU A 153 28.64 -9.12 -17.12
CA LEU A 153 27.65 -10.06 -16.60
C LEU A 153 27.71 -11.38 -17.36
N ASP A 154 27.80 -11.31 -18.69
CA ASP A 154 27.93 -12.53 -19.49
C ASP A 154 29.16 -13.31 -19.07
N PHE A 155 30.28 -12.62 -18.86
CA PHE A 155 31.47 -13.24 -18.29
C PHE A 155 31.13 -13.97 -16.99
N PHE A 156 30.35 -13.33 -16.12
CA PHE A 156 30.08 -13.92 -14.82
C PHE A 156 29.25 -15.19 -14.95
N ILE A 157 28.19 -15.16 -15.78
CA ILE A 157 27.41 -16.38 -15.97
C ILE A 157 28.25 -17.47 -16.61
N VAL A 158 29.12 -17.12 -17.56
CA VAL A 158 29.95 -18.14 -18.20
C VAL A 158 30.85 -18.82 -17.17
N MET A 159 31.55 -18.02 -16.35
CA MET A 159 32.42 -18.60 -15.33
C MET A 159 31.63 -19.40 -14.32
N ALA A 160 30.48 -18.89 -13.88
CA ALA A 160 29.72 -19.57 -12.85
C ALA A 160 29.19 -20.91 -13.36
N GLY A 161 28.67 -20.94 -14.59
CA GLY A 161 28.22 -22.19 -15.16
C GLY A 161 29.36 -23.17 -15.36
N MET A 162 30.53 -22.66 -15.76
CA MET A 162 31.67 -23.55 -15.94
C MET A 162 32.10 -24.17 -14.61
N VAL A 163 32.10 -23.37 -13.54
CA VAL A 163 32.40 -23.90 -12.21
C VAL A 163 31.36 -24.93 -11.80
N GLU A 164 30.09 -24.65 -12.09
CA GLU A 164 29.03 -25.60 -11.75
C GLU A 164 29.24 -26.92 -12.46
N TYR A 165 29.55 -26.87 -13.76
CA TYR A 165 29.79 -28.10 -14.52
C TYR A 165 31.00 -28.85 -13.98
N SER A 166 32.08 -28.12 -13.67
CA SER A 166 33.30 -28.77 -13.17
C SER A 166 33.05 -29.44 -11.83
N LEU A 167 32.27 -28.80 -10.95
CA LEU A 167 31.97 -29.41 -9.67
C LEU A 167 31.00 -30.58 -9.84
N ASP A 168 30.11 -30.53 -10.82
CA ASP A 168 29.34 -31.72 -11.17
C ASP A 168 30.26 -32.85 -11.59
N LEU A 169 31.38 -32.51 -12.25
CA LEU A 169 32.35 -33.52 -12.64
C LEU A 169 32.98 -34.17 -11.40
N GLN A 170 33.23 -33.38 -10.36
CA GLN A 170 33.85 -33.89 -9.13
C GLN A 170 32.85 -34.51 -8.14
N ASN A 171 31.65 -34.89 -8.55
CA ASN A 171 30.67 -35.52 -7.65
C ASN A 171 30.34 -34.63 -6.45
N ILE A 172 30.39 -33.31 -6.65
CA ILE A 172 29.94 -32.34 -5.65
C ILE A 172 28.79 -31.57 -6.28
N ASN A 173 27.58 -32.06 -6.08
CA ASN A 173 26.41 -31.45 -6.70
C ASN A 173 26.20 -30.03 -6.21
N LEU A 174 25.91 -29.88 -4.92
CA LEU A 174 25.80 -28.57 -4.27
C LEU A 174 24.92 -27.61 -5.07
N SER A 175 23.63 -27.95 -5.12
CA SER A 175 22.66 -27.12 -5.84
C SER A 175 22.45 -25.84 -5.07
N ALA A 176 23.52 -25.07 -4.95
CA ALA A 176 23.51 -23.71 -4.43
C ALA A 176 24.35 -22.88 -5.39
N ILE A 177 25.04 -23.57 -6.29
CA ILE A 177 25.70 -22.97 -7.44
C ILE A 177 24.81 -23.27 -8.64
N ARG A 178 23.89 -24.23 -8.46
CA ARG A 178 22.86 -24.47 -9.46
C ARG A 178 21.90 -23.31 -9.57
N THR A 179 21.66 -22.60 -8.47
CA THR A 179 20.71 -21.50 -8.44
C THR A 179 21.22 -20.28 -9.17
N VAL A 180 22.47 -20.31 -9.63
CA VAL A 180 23.00 -19.22 -10.45
C VAL A 180 22.45 -19.26 -11.87
N ARG A 181 21.80 -20.37 -12.26
CA ARG A 181 21.04 -20.38 -13.51
C ARG A 181 20.14 -19.16 -13.65
N VAL A 182 19.54 -18.70 -12.55
CA VAL A 182 18.48 -17.70 -12.64
C VAL A 182 18.98 -16.42 -13.29
N LEU A 183 20.26 -16.12 -13.16
CA LEU A 183 20.81 -14.91 -13.77
C LEU A 183 20.97 -15.03 -15.27
N ARG A 184 20.84 -16.23 -15.83
CA ARG A 184 20.99 -16.39 -17.27
C ARG A 184 19.94 -15.62 -18.07
N PRO A 185 18.65 -15.63 -17.72
CA PRO A 185 17.71 -14.79 -18.46
C PRO A 185 18.03 -13.32 -18.38
N LEU A 186 18.83 -12.91 -17.41
CA LEU A 186 19.13 -11.49 -17.25
C LEU A 186 20.01 -10.97 -18.37
N LYS A 187 20.56 -11.85 -19.21
CA LYS A 187 21.34 -11.41 -20.35
C LYS A 187 20.45 -10.89 -21.48
N ALA A 188 19.16 -11.20 -21.46
CA ALA A 188 18.26 -10.73 -22.49
C ALA A 188 18.04 -9.23 -22.45
N ILE A 189 18.38 -8.59 -21.33
CA ILE A 189 18.30 -7.13 -21.27
C ILE A 189 19.24 -6.52 -22.30
N ASN A 190 20.41 -7.11 -22.48
CA ASN A 190 21.36 -6.64 -23.49
C ASN A 190 20.83 -6.77 -24.89
N ARG A 191 20.04 -7.80 -25.17
CA ARG A 191 19.69 -8.14 -26.56
C ARG A 191 18.37 -7.54 -26.99
N VAL A 192 17.77 -6.70 -26.16
CA VAL A 192 16.60 -5.93 -26.55
C VAL A 192 16.95 -4.46 -26.32
N PRO A 193 17.24 -3.70 -27.36
CA PRO A 193 17.83 -2.36 -27.16
C PRO A 193 16.92 -1.44 -26.37
N SER A 194 15.61 -1.61 -26.49
CA SER A 194 14.68 -0.84 -25.67
C SER A 194 14.90 -1.16 -24.19
N MET A 195 15.04 -2.44 -23.86
CA MET A 195 15.37 -2.81 -22.48
C MET A 195 16.73 -2.27 -22.08
N ARG A 196 17.71 -2.28 -22.99
CA ARG A 196 19.00 -1.70 -22.64
C ARG A 196 18.84 -0.24 -22.23
N ILE A 197 18.09 0.53 -23.02
CA ILE A 197 17.95 1.95 -22.73
C ILE A 197 17.24 2.14 -21.40
N LEU A 198 16.14 1.43 -21.19
CA LEU A 198 15.39 1.63 -19.95
C LEU A 198 16.22 1.25 -18.74
N VAL A 199 16.87 0.07 -18.78
CA VAL A 199 17.67 -0.37 -17.65
C VAL A 199 18.88 0.53 -17.47
N ASN A 200 19.41 1.08 -18.55
CA ASN A 200 20.56 1.96 -18.46
C ASN A 200 20.22 3.25 -17.73
N LEU A 201 19.09 3.86 -18.08
CA LEU A 201 18.64 5.02 -17.31
C LEU A 201 18.34 4.64 -15.87
N LEU A 202 17.73 3.47 -15.64
CA LEU A 202 17.44 3.06 -14.28
C LEU A 202 18.71 2.93 -13.44
N LEU A 203 19.72 2.27 -13.99
CA LEU A 203 20.99 2.10 -13.28
C LEU A 203 21.74 3.41 -13.13
N ASP A 204 21.60 4.33 -14.08
CA ASP A 204 22.31 5.60 -13.97
C ASP A 204 21.59 6.55 -13.03
N THR A 205 20.31 6.31 -12.73
CA THR A 205 19.62 7.10 -11.72
C THR A 205 19.59 6.45 -10.35
N LEU A 206 19.94 5.17 -10.25
CA LEU A 206 20.05 4.54 -8.93
C LEU A 206 21.01 5.24 -7.98
N PRO A 207 22.23 5.63 -8.38
CA PRO A 207 23.20 6.12 -7.39
C PRO A 207 22.75 7.36 -6.63
N MET A 208 21.77 8.10 -7.13
CA MET A 208 21.24 9.24 -6.40
C MET A 208 20.06 8.86 -5.51
N LEU A 209 19.74 7.58 -5.40
CA LEU A 209 18.72 7.09 -4.49
C LEU A 209 19.29 6.83 -3.11
N GLY A 210 20.61 6.97 -2.96
CA GLY A 210 21.26 6.67 -1.70
C GLY A 210 20.88 7.57 -0.56
N ASN A 211 20.45 8.79 -0.84
CA ASN A 211 20.04 9.68 0.25
C ASN A 211 18.79 9.14 0.94
N VAL A 212 17.76 8.80 0.16
CA VAL A 212 16.58 8.22 0.77
C VAL A 212 16.88 6.83 1.30
N LEU A 213 17.82 6.11 0.71
CA LEU A 213 18.23 4.85 1.32
C LEU A 213 18.84 5.06 2.70
N LEU A 214 19.59 6.15 2.87
CA LEU A 214 20.19 6.42 4.18
C LEU A 214 19.12 6.88 5.17
N LEU A 215 18.12 7.62 4.70
CA LEU A 215 16.98 7.92 5.58
C LEU A 215 16.28 6.64 6.00
N CYS A 216 16.12 5.71 5.06
CA CYS A 216 15.60 4.39 5.37
C CYS A 216 16.43 3.72 6.44
N PHE A 217 17.75 3.82 6.34
CA PHE A 217 18.60 3.21 7.36
C PHE A 217 18.38 3.86 8.71
N PHE A 218 18.27 5.20 8.75
CA PHE A 218 18.03 5.87 10.02
C PHE A 218 16.73 5.39 10.67
N VAL A 219 15.65 5.35 9.90
CA VAL A 219 14.36 5.01 10.48
C VAL A 219 14.22 3.52 10.76
N PHE A 220 14.97 2.66 10.08
CA PHE A 220 15.03 1.28 10.51
C PHE A 220 15.88 1.10 11.76
N PHE A 221 17.03 1.74 11.82
CA PHE A 221 17.92 1.52 12.95
C PHE A 221 17.35 2.09 14.23
N ILE A 222 16.77 3.30 14.16
CA ILE A 222 16.23 3.91 15.37
C ILE A 222 15.11 3.06 15.94
N PHE A 223 14.12 2.72 15.11
CA PHE A 223 12.99 1.94 15.61
C PHE A 223 13.41 0.53 15.97
N GLY A 224 14.40 -0.04 15.28
CA GLY A 224 14.88 -1.36 15.65
C GLY A 224 15.55 -1.37 17.00
N ILE A 225 16.35 -0.35 17.29
CA ILE A 225 16.99 -0.26 18.60
C ILE A 225 15.93 -0.07 19.68
N ILE A 226 14.96 0.82 19.44
CA ILE A 226 13.91 1.00 20.43
C ILE A 226 13.22 -0.32 20.69
N GLY A 227 12.89 -1.06 19.62
CA GLY A 227 12.17 -2.31 19.78
C GLY A 227 12.96 -3.37 20.50
N VAL A 228 14.24 -3.53 20.15
CA VAL A 228 15.02 -4.57 20.79
C VAL A 228 15.29 -4.20 22.24
N GLN A 229 15.38 -2.91 22.55
CA GLN A 229 15.58 -2.51 23.93
C GLN A 229 14.33 -2.71 24.76
N LEU A 230 13.15 -2.46 24.18
CA LEU A 230 11.94 -2.58 24.97
C LEU A 230 11.46 -4.02 25.05
N TRP A 231 11.28 -4.69 23.91
CA TRP A 231 10.52 -5.92 23.83
C TRP A 231 11.38 -7.13 23.51
N ALA A 232 12.65 -7.12 23.90
CA ALA A 232 13.54 -8.25 23.63
C ALA A 232 13.05 -9.45 24.40
N GLY A 233 12.55 -10.45 23.69
CA GLY A 233 12.12 -11.67 24.33
C GLY A 233 10.79 -11.58 25.03
N LEU A 234 10.11 -10.44 24.96
CA LEU A 234 8.78 -10.35 25.56
C LEU A 234 7.77 -11.15 24.75
N LEU A 235 8.02 -11.33 23.46
CA LEU A 235 7.07 -12.02 22.60
C LEU A 235 6.97 -13.50 22.93
N ARG A 236 7.88 -14.03 23.73
CA ARG A 236 7.92 -15.47 23.96
C ARG A 236 7.01 -15.96 25.07
N ASN A 237 6.46 -15.06 25.89
CA ASN A 237 5.81 -15.53 27.11
C ASN A 237 4.36 -15.90 26.91
N ARG A 238 4.03 -17.15 27.18
CA ARG A 238 2.64 -17.59 27.22
C ARG A 238 2.24 -17.94 28.64
N CYS A 239 0.93 -18.03 28.86
CA CYS A 239 0.41 -18.35 30.18
C CYS A 239 0.64 -19.82 30.44
N PHE A 240 1.58 -20.14 31.34
CA PHE A 240 1.91 -21.53 31.64
C PHE A 240 1.09 -22.05 32.80
N LEU A 241 1.22 -23.35 33.06
CA LEU A 241 0.60 -23.93 34.24
C LEU A 241 1.31 -23.45 35.49
N GLU A 242 0.68 -23.72 36.64
CA GLU A 242 1.32 -23.41 37.90
C GLU A 242 2.56 -24.28 38.07
N GLU A 243 3.57 -23.70 38.74
CA GLU A 243 4.89 -24.31 38.77
C GLU A 243 4.84 -25.74 39.30
N ASN A 244 4.19 -25.93 40.44
CA ASN A 244 4.00 -27.25 41.04
C ASN A 244 2.55 -27.66 40.77
N PHE A 245 2.32 -28.22 39.59
CA PHE A 245 1.00 -28.65 39.18
C PHE A 245 0.82 -30.13 39.45
N THR A 246 -0.20 -30.45 40.24
CA THR A 246 -0.51 -31.83 40.62
C THR A 246 -1.74 -32.28 39.86
N ILE A 247 -1.59 -33.38 39.12
CA ILE A 247 -2.66 -33.91 38.28
C ILE A 247 -2.77 -35.41 38.53
N GLN A 248 -4.00 -35.93 38.51
CA GLN A 248 -4.22 -37.34 38.80
C GLN A 248 -3.63 -38.24 37.71
N GLY A 249 -3.66 -37.79 36.46
CA GLY A 249 -3.07 -38.58 35.40
C GLY A 249 -3.52 -38.08 34.04
N ASP A 250 -3.20 -38.89 33.02
CA ASP A 250 -3.59 -38.64 31.64
C ASP A 250 -3.08 -37.28 31.17
N VAL A 251 -1.75 -37.20 31.07
CA VAL A 251 -1.06 -35.97 30.72
C VAL A 251 -1.39 -35.58 29.28
N ALA A 252 -2.19 -34.53 29.11
CA ALA A 252 -2.62 -34.08 27.79
C ALA A 252 -2.53 -32.56 27.62
N LEU A 253 -2.45 -31.81 28.70
CA LEU A 253 -2.38 -30.35 28.60
C LEU A 253 -1.06 -29.93 27.96
N PRO A 254 -1.06 -28.89 27.12
CA PRO A 254 0.20 -28.28 26.73
C PRO A 254 0.81 -27.58 27.94
N PRO A 255 2.13 -27.34 27.92
CA PRO A 255 2.71 -26.55 29.01
C PRO A 255 2.08 -25.18 29.16
N TYR A 256 1.64 -24.58 28.06
CA TYR A 256 0.98 -23.27 28.14
C TYR A 256 -0.37 -23.31 27.45
N TYR A 257 -0.97 -22.13 27.24
CA TYR A 257 -2.28 -22.01 26.63
C TYR A 257 -2.15 -21.43 25.22
N GLN A 258 -2.63 -22.16 24.23
CA GLN A 258 -2.75 -21.66 22.87
C GLN A 258 -4.16 -21.97 22.37
N PRO A 259 -4.88 -20.98 21.85
CA PRO A 259 -6.25 -21.26 21.40
C PRO A 259 -6.30 -22.27 20.26
N GLU A 260 -5.62 -21.97 19.16
CA GLU A 260 -5.65 -22.81 17.97
C GLU A 260 -4.38 -23.65 17.89
N GLU A 261 -4.53 -24.84 17.31
CA GLU A 261 -3.48 -25.84 17.34
C GLU A 261 -2.20 -25.33 16.70
N ASP A 262 -1.07 -25.59 17.38
CA ASP A 262 0.27 -25.27 16.89
C ASP A 262 0.48 -23.77 16.70
N ASP A 263 0.07 -22.96 17.68
CA ASP A 263 0.38 -21.53 17.73
C ASP A 263 -0.08 -20.79 16.47
N GLU A 264 -1.29 -21.09 16.01
CA GLU A 264 -1.87 -20.31 14.94
C GLU A 264 -2.15 -18.89 15.40
N MET A 265 -2.63 -18.74 16.64
CA MET A 265 -2.79 -17.45 17.29
C MET A 265 -2.32 -17.61 18.73
N PRO A 266 -1.13 -17.15 19.06
CA PRO A 266 -0.63 -17.29 20.43
C PRO A 266 -1.41 -16.41 21.39
N PHE A 267 -1.12 -16.59 22.66
CA PHE A 267 -1.80 -15.91 23.75
C PHE A 267 -0.83 -15.11 24.60
N ILE A 268 -0.01 -14.28 23.96
CA ILE A 268 1.09 -13.59 24.61
C ILE A 268 0.63 -12.84 25.86
N CYS A 269 1.17 -13.24 27.01
CA CYS A 269 0.79 -12.72 28.31
C CYS A 269 1.51 -11.42 28.59
N SER A 270 1.43 -10.95 29.84
CA SER A 270 2.23 -9.84 30.34
C SER A 270 2.85 -10.25 31.66
N LEU A 271 4.15 -10.06 31.79
CA LEU A 271 4.83 -10.42 33.03
C LEU A 271 4.40 -9.50 34.16
N SER A 272 4.51 -10.02 35.39
CA SER A 272 4.28 -9.21 36.57
C SER A 272 5.32 -8.11 36.62
N GLY A 273 4.88 -6.87 36.85
CA GLY A 273 5.82 -5.75 36.87
C GLY A 273 5.82 -5.00 35.56
N ASP A 274 5.68 -5.72 34.45
CA ASP A 274 5.56 -5.12 33.13
C ASP A 274 4.07 -4.90 32.86
N ASN A 275 3.64 -3.65 32.88
CA ASN A 275 2.22 -3.32 32.81
C ASN A 275 1.73 -3.48 31.38
N GLY A 276 1.46 -4.72 31.01
CA GLY A 276 0.87 -5.03 29.72
C GLY A 276 -0.61 -4.72 29.70
N ILE A 277 -1.36 -5.47 28.91
CA ILE A 277 -2.81 -5.34 28.91
C ILE A 277 -3.43 -6.65 29.36
N MET A 278 -3.19 -7.71 28.59
CA MET A 278 -3.86 -8.99 28.83
C MET A 278 -2.91 -9.85 29.65
N GLY A 279 -3.36 -10.25 30.84
CA GLY A 279 -2.44 -10.81 31.82
C GLY A 279 -2.80 -12.16 32.43
N CYS A 280 -3.26 -13.10 31.60
CA CYS A 280 -3.52 -14.50 31.95
C CYS A 280 -4.76 -14.69 32.81
N HIS A 281 -5.39 -13.62 33.29
CA HIS A 281 -6.70 -13.73 33.90
C HIS A 281 -7.81 -13.34 32.92
N GLU A 282 -7.46 -13.08 31.67
CA GLU A 282 -8.41 -12.79 30.61
C GLU A 282 -8.64 -14.00 29.71
N ILE A 283 -8.22 -15.18 30.12
CA ILE A 283 -8.37 -16.35 29.26
C ILE A 283 -9.85 -16.70 29.14
N PRO A 284 -10.38 -16.85 27.94
CA PRO A 284 -11.80 -17.23 27.80
C PRO A 284 -12.05 -18.60 28.40
N PRO A 285 -12.96 -18.69 29.37
CA PRO A 285 -13.22 -19.97 30.04
C PRO A 285 -13.67 -21.02 29.04
N LEU A 286 -13.24 -22.26 29.26
CA LEU A 286 -13.34 -23.28 28.22
C LEU A 286 -14.73 -23.90 28.21
N LYS A 287 -15.51 -23.56 27.17
CA LYS A 287 -16.79 -24.23 26.92
C LYS A 287 -17.23 -23.92 25.49
N CYS A 316 -17.21 -32.19 32.09
CA CYS A 316 -15.94 -31.55 31.80
C CYS A 316 -15.71 -30.34 32.70
N VAL A 317 -14.47 -29.89 32.79
CA VAL A 317 -14.05 -28.84 33.71
C VAL A 317 -13.27 -27.79 32.95
N ASN A 318 -13.44 -26.53 33.34
CA ASN A 318 -12.79 -25.40 32.69
C ASN A 318 -11.29 -25.39 32.96
N TRP A 319 -10.52 -25.99 32.04
CA TRP A 319 -9.08 -26.12 32.25
C TRP A 319 -8.34 -24.79 32.20
N ASN A 320 -8.88 -23.81 31.48
CA ASN A 320 -8.11 -22.60 31.24
C ASN A 320 -7.96 -21.74 32.48
N ARG A 321 -8.74 -22.00 33.54
CA ARG A 321 -8.58 -21.19 34.74
C ARG A 321 -7.31 -21.54 35.48
N TYR A 322 -6.68 -22.68 35.17
CA TYR A 322 -5.49 -23.11 35.87
C TYR A 322 -4.21 -22.48 35.35
N TYR A 323 -4.24 -21.86 34.17
CA TYR A 323 -3.06 -21.20 33.63
C TYR A 323 -2.85 -19.92 34.41
N ASN A 324 -2.17 -20.04 35.54
CA ASN A 324 -2.04 -18.97 36.52
C ASN A 324 -0.89 -18.02 36.16
N VAL A 325 0.32 -18.56 36.06
CA VAL A 325 1.53 -17.77 35.92
C VAL A 325 2.04 -17.90 34.49
N CYS A 326 2.75 -16.87 34.03
CA CYS A 326 3.32 -16.87 32.70
C CYS A 326 4.79 -16.47 32.75
N ARG A 327 5.61 -17.17 31.98
CA ARG A 327 7.05 -16.96 31.95
C ARG A 327 7.52 -16.85 30.51
N THR A 328 8.68 -16.24 30.31
CA THR A 328 9.18 -15.92 28.97
C THR A 328 10.03 -17.04 28.40
N GLY A 329 9.46 -18.23 28.32
CA GLY A 329 10.16 -19.28 27.61
C GLY A 329 9.30 -20.11 26.69
N SER A 330 9.53 -20.01 25.39
CA SER A 330 8.88 -20.84 24.37
C SER A 330 9.50 -20.47 23.02
N ALA A 331 8.92 -21.01 21.96
CA ALA A 331 9.02 -20.38 20.66
C ALA A 331 8.09 -19.17 20.63
N ASN A 332 8.42 -18.20 19.81
CA ASN A 332 7.66 -16.97 19.70
C ASN A 332 6.89 -16.94 18.38
N PRO A 333 5.91 -16.04 18.23
CA PRO A 333 4.79 -16.33 17.34
C PRO A 333 5.18 -16.48 15.87
N HIS A 334 4.25 -17.03 15.10
CA HIS A 334 4.39 -17.20 13.66
C HIS A 334 5.61 -18.06 13.32
N LYS A 335 5.73 -19.21 13.99
CA LYS A 335 6.84 -20.13 13.76
C LYS A 335 8.18 -19.43 13.90
N GLY A 336 8.31 -18.65 14.97
CA GLY A 336 9.55 -17.97 15.28
C GLY A 336 9.90 -16.88 14.29
N ALA A 337 8.90 -16.17 13.78
CA ALA A 337 9.13 -15.18 12.75
C ALA A 337 8.95 -13.74 13.21
N ILE A 338 8.06 -13.46 14.15
CA ILE A 338 7.79 -12.11 14.59
C ILE A 338 8.29 -12.00 16.02
N ASN A 339 9.35 -11.24 16.21
CA ASN A 339 9.96 -11.06 17.53
C ASN A 339 10.93 -9.90 17.45
N PHE A 340 11.46 -9.53 18.60
CA PHE A 340 12.42 -8.43 18.68
C PHE A 340 13.71 -8.86 19.37
N ASP A 341 14.03 -10.15 19.34
CA ASP A 341 15.21 -10.65 20.01
C ASP A 341 16.47 -10.03 19.42
N ASN A 342 16.78 -10.34 18.17
CA ASN A 342 17.94 -9.77 17.51
C ASN A 342 17.59 -8.36 17.07
N ILE A 343 18.46 -7.75 16.26
CA ILE A 343 18.05 -6.58 15.50
C ILE A 343 17.68 -6.95 14.07
N GLY A 344 18.16 -8.10 13.57
CA GLY A 344 17.66 -8.57 12.29
C GLY A 344 16.18 -8.87 12.34
N TYR A 345 15.71 -9.48 13.43
CA TYR A 345 14.30 -9.76 13.57
C TYR A 345 13.49 -8.49 13.74
N ALA A 346 14.02 -7.53 14.49
CA ALA A 346 13.34 -6.24 14.60
C ALA A 346 13.26 -5.56 13.25
N TRP A 347 14.30 -5.69 12.43
CA TRP A 347 14.23 -5.15 11.08
C TRP A 347 13.17 -5.86 10.26
N ILE A 348 13.03 -7.17 10.43
CA ILE A 348 11.98 -7.90 9.71
C ILE A 348 10.61 -7.35 10.09
N VAL A 349 10.37 -7.18 11.38
CA VAL A 349 9.07 -6.71 11.84
C VAL A 349 8.81 -5.28 11.37
N ILE A 350 9.82 -4.42 11.44
CA ILE A 350 9.63 -3.04 10.99
C ILE A 350 9.38 -3.02 9.50
N PHE A 351 10.04 -3.88 8.74
CA PHE A 351 9.75 -3.94 7.31
C PHE A 351 8.35 -4.45 7.04
N GLN A 352 7.86 -5.35 7.89
CA GLN A 352 6.48 -5.79 7.74
C GLN A 352 5.51 -4.64 7.94
N VAL A 353 5.72 -3.81 8.96
CA VAL A 353 4.80 -2.68 9.15
C VAL A 353 5.07 -1.52 8.20
N ILE A 354 6.21 -1.49 7.53
CA ILE A 354 6.42 -0.51 6.47
C ILE A 354 5.48 -0.81 5.30
N THR A 355 5.32 -2.08 4.97
CA THR A 355 4.42 -2.48 3.90
C THR A 355 2.96 -2.52 4.34
N LEU A 356 2.68 -2.18 5.60
CA LEU A 356 1.30 -2.02 6.08
C LEU A 356 0.52 -3.32 5.96
N GLU A 357 1.17 -4.44 6.26
CA GLU A 357 0.53 -5.73 6.23
C GLU A 357 0.73 -6.42 7.57
N GLY A 358 -0.35 -6.94 8.14
CA GLY A 358 -0.26 -7.56 9.45
C GLY A 358 0.18 -6.62 10.54
N TRP A 359 0.01 -5.31 10.31
CA TRP A 359 0.41 -4.30 11.28
C TRP A 359 -0.32 -4.46 12.62
N VAL A 360 -1.65 -4.53 12.58
CA VAL A 360 -2.43 -4.49 13.81
C VAL A 360 -2.20 -5.72 14.66
N GLU A 361 -1.97 -6.87 14.04
CA GLU A 361 -1.80 -8.10 14.81
C GLU A 361 -0.55 -8.02 15.68
N ILE A 362 0.56 -7.50 15.13
CA ILE A 362 1.75 -7.40 15.96
C ILE A 362 1.65 -6.21 16.90
N MET A 363 0.89 -5.19 16.52
CA MET A 363 0.64 -4.10 17.46
C MET A 363 -0.05 -4.61 18.71
N TYR A 364 -1.03 -5.50 18.54
CA TYR A 364 -1.67 -6.12 19.70
C TYR A 364 -0.76 -7.13 20.39
N TYR A 365 0.12 -7.80 19.66
CA TYR A 365 1.12 -8.62 20.33
C TYR A 365 1.91 -7.78 21.34
N VAL A 366 2.44 -6.65 20.88
CA VAL A 366 3.26 -5.81 21.75
C VAL A 366 2.42 -5.22 22.87
N MET A 367 1.21 -4.78 22.58
CA MET A 367 0.33 -4.28 23.63
C MET A 367 0.11 -5.32 24.72
N ASP A 368 -0.19 -6.57 24.32
CA ASP A 368 -0.38 -7.63 25.30
C ASP A 368 0.88 -7.86 26.11
N ALA A 369 2.03 -7.95 25.44
CA ALA A 369 3.25 -8.32 26.14
C ALA A 369 3.72 -7.23 27.09
N HIS A 370 3.79 -5.99 26.62
CA HIS A 370 4.57 -4.97 27.30
C HIS A 370 3.72 -3.83 27.87
N SER A 371 2.97 -3.11 27.04
CA SER A 371 2.28 -1.93 27.54
C SER A 371 1.22 -1.48 26.56
N PHE A 372 0.24 -0.74 27.07
CA PHE A 372 -0.81 -0.20 26.22
C PHE A 372 -0.32 0.94 25.34
N TYR A 373 0.69 1.68 25.78
CA TYR A 373 1.11 2.90 25.10
C TYR A 373 2.18 2.66 24.06
N ASN A 374 2.21 1.48 23.45
CA ASN A 374 3.06 1.25 22.29
C ASN A 374 2.36 1.60 20.98
N PHE A 375 1.07 1.90 21.03
CA PHE A 375 0.42 2.41 19.84
C PHE A 375 1.08 3.71 19.41
N ILE A 376 1.65 4.48 20.32
CA ILE A 376 2.41 5.66 19.92
C ILE A 376 3.56 5.25 19.03
N TYR A 377 4.28 4.21 19.44
CA TYR A 377 5.40 3.71 18.65
C TYR A 377 4.93 3.31 17.27
N PHE A 378 3.82 2.59 17.20
CA PHE A 378 3.40 2.07 15.90
C PHE A 378 2.83 3.17 15.02
N ILE A 379 2.10 4.13 15.60
CA ILE A 379 1.58 5.23 14.80
C ILE A 379 2.71 6.09 14.24
N LEU A 380 3.71 6.41 15.08
CA LEU A 380 4.85 7.16 14.56
C LEU A 380 5.61 6.38 13.50
N LEU A 381 5.78 5.08 13.71
CA LEU A 381 6.45 4.28 12.69
C LEU A 381 5.68 4.29 11.38
N ILE A 382 4.36 4.14 11.46
CA ILE A 382 3.54 4.18 10.24
C ILE A 382 3.73 5.51 9.53
N ILE A 383 3.54 6.62 10.25
CA ILE A 383 3.57 7.93 9.62
C ILE A 383 4.94 8.22 9.02
N VAL A 384 6.01 7.89 9.75
CA VAL A 384 7.35 8.23 9.28
C VAL A 384 7.78 7.30 8.16
N GLY A 385 7.73 6.00 8.39
CA GLY A 385 8.17 5.05 7.38
C GLY A 385 7.17 4.82 6.26
N SER A 386 6.00 4.26 6.58
CA SER A 386 5.14 3.82 5.50
C SER A 386 4.53 4.97 4.72
N PHE A 387 4.69 6.21 5.17
CA PHE A 387 4.18 7.35 4.43
C PHE A 387 5.28 8.32 4.02
N PHE A 388 6.19 8.69 4.92
CA PHE A 388 7.26 9.61 4.58
C PHE A 388 8.56 8.94 4.18
N MET A 389 8.60 7.62 4.02
CA MET A 389 9.76 6.97 3.42
C MET A 389 9.49 6.49 2.00
N ILE A 390 8.51 5.62 1.82
CA ILE A 390 8.29 5.04 0.51
C ILE A 390 7.80 6.10 -0.46
N ASN A 391 7.06 7.08 0.03
CA ASN A 391 6.65 8.17 -0.83
C ASN A 391 7.78 9.15 -1.11
N LEU A 392 8.69 9.33 -0.15
CA LEU A 392 9.92 10.05 -0.50
C LEU A 392 10.75 9.27 -1.50
N CYS A 393 10.69 7.94 -1.46
CA CYS A 393 11.31 7.14 -2.50
C CYS A 393 10.68 7.44 -3.86
N LEU A 394 9.35 7.50 -3.91
CA LEU A 394 8.68 7.82 -5.16
C LEU A 394 9.08 9.20 -5.66
N VAL A 395 9.09 10.19 -4.76
CA VAL A 395 9.43 11.55 -5.15
C VAL A 395 10.84 11.63 -5.69
N VAL A 396 11.79 11.01 -4.98
CA VAL A 396 13.18 11.08 -5.39
C VAL A 396 13.38 10.36 -6.71
N ILE A 397 12.76 9.19 -6.88
CA ILE A 397 12.94 8.47 -8.14
C ILE A 397 12.34 9.25 -9.30
N ALA A 398 11.15 9.81 -9.12
CA ALA A 398 10.53 10.58 -10.20
C ALA A 398 11.40 11.77 -10.57
N THR A 399 11.85 12.53 -9.57
CA THR A 399 12.67 13.71 -9.85
C THR A 399 13.99 13.32 -10.51
N GLN A 400 14.65 12.29 -10.00
CA GLN A 400 15.96 11.89 -10.52
C GLN A 400 15.83 11.34 -11.92
N PHE A 401 14.76 10.58 -12.19
CA PHE A 401 14.53 10.09 -13.54
C PHE A 401 14.28 11.24 -14.50
N SER A 402 13.52 12.24 -14.08
CA SER A 402 13.32 13.43 -14.90
C SER A 402 14.64 14.11 -15.20
N GLU A 403 15.46 14.29 -14.18
CA GLU A 403 16.77 14.91 -14.34
C GLU A 403 17.70 14.11 -15.25
N THR A 404 17.69 12.78 -15.15
CA THR A 404 18.46 11.95 -16.06
C THR A 404 17.95 12.06 -17.49
N LYS A 405 16.62 12.13 -17.67
CA LYS A 405 16.08 12.35 -19.00
C LYS A 405 16.59 13.66 -19.57
N GLN A 406 16.57 14.72 -18.78
CA GLN A 406 17.08 16.01 -19.28
C GLN A 406 18.58 15.94 -19.56
N ARG A 407 19.33 15.26 -18.69
CA ARG A 407 20.78 15.24 -18.81
C ARG A 407 21.22 14.57 -20.10
N GLU A 408 20.74 13.35 -20.36
CA GLU A 408 21.09 12.67 -21.60
C GLU A 408 20.55 13.42 -22.80
N HIS A 409 19.42 14.09 -22.64
CA HIS A 409 18.88 14.90 -23.73
C HIS A 409 19.75 16.12 -23.97
N ARG A 410 20.37 16.66 -22.92
CA ARG A 410 21.24 17.82 -23.07
C ARG A 410 22.52 17.49 -23.83
N LEU A 411 22.94 16.22 -23.83
CA LEU A 411 24.11 15.84 -24.63
C LEU A 411 23.84 16.07 -26.11
N MET A 412 22.65 15.66 -26.59
CA MET A 412 22.28 15.90 -27.97
C MET A 412 22.15 17.41 -28.24
N LEU A 413 21.56 18.13 -27.31
CA LEU A 413 21.35 19.57 -27.46
C LEU A 413 22.28 20.38 -26.55
N ARG A 627 -32.41 4.30 -57.45
CA ARG A 627 -31.34 4.37 -56.46
C ARG A 627 -31.15 5.79 -55.97
N GLU A 628 -32.20 6.59 -56.14
CA GLU A 628 -32.16 7.98 -55.70
C GLU A 628 -32.28 8.12 -54.19
N THR A 629 -32.82 7.10 -53.51
CA THR A 629 -32.98 7.16 -52.06
C THR A 629 -31.65 7.18 -51.32
N ARG A 630 -30.55 6.87 -51.99
CA ARG A 630 -29.25 6.86 -51.32
C ARG A 630 -28.91 8.25 -50.78
N ALA A 631 -29.17 9.29 -51.58
CA ALA A 631 -28.90 10.65 -51.12
C ALA A 631 -29.84 11.05 -49.99
N LYS A 632 -31.13 10.72 -50.12
CA LYS A 632 -32.10 11.10 -49.10
C LYS A 632 -31.89 10.32 -47.80
N LEU A 633 -31.50 9.06 -47.90
CA LEU A 633 -31.32 8.22 -46.71
C LEU A 633 -30.20 8.71 -45.82
N ARG A 634 -29.25 9.47 -46.37
CA ARG A 634 -28.10 9.92 -45.59
C ARG A 634 -28.50 10.96 -44.54
N GLY A 635 -29.50 11.78 -44.85
CA GLY A 635 -29.86 12.87 -43.93
C GLY A 635 -30.27 12.37 -42.56
N ILE A 636 -31.00 11.26 -42.52
CA ILE A 636 -31.36 10.65 -41.24
C ILE A 636 -30.11 10.15 -40.52
N VAL A 637 -29.15 9.59 -41.26
CA VAL A 637 -27.97 9.01 -40.63
C VAL A 637 -27.17 10.09 -39.91
N ASP A 638 -26.64 11.05 -40.67
CA ASP A 638 -25.77 12.08 -40.11
C ASP A 638 -26.60 13.26 -39.59
N SER A 639 -27.52 12.94 -38.69
CA SER A 639 -28.44 13.92 -38.15
C SER A 639 -27.98 14.52 -36.83
N LYS A 640 -27.08 13.84 -36.11
CA LYS A 640 -26.69 14.11 -34.72
C LYS A 640 -27.83 13.84 -33.75
N TYR A 641 -28.98 13.37 -34.23
CA TYR A 641 -30.12 13.03 -33.38
C TYR A 641 -30.49 11.56 -33.46
N PHE A 642 -30.50 10.99 -34.67
CA PHE A 642 -30.65 9.54 -34.80
C PHE A 642 -29.51 8.81 -34.09
N ASN A 643 -28.32 9.40 -34.10
CA ASN A 643 -27.22 8.84 -33.33
C ASN A 643 -27.54 8.82 -31.85
N ARG A 644 -28.16 9.90 -31.35
CA ARG A 644 -28.57 9.92 -29.95
C ARG A 644 -29.64 8.88 -29.66
N GLY A 645 -30.57 8.66 -30.59
CA GLY A 645 -31.54 7.60 -30.39
C GLY A 645 -30.90 6.23 -30.30
N ILE A 646 -29.96 5.94 -31.20
CA ILE A 646 -29.30 4.63 -31.14
C ILE A 646 -28.39 4.57 -29.91
N MET A 647 -27.92 5.72 -29.42
CA MET A 647 -27.17 5.74 -28.18
C MET A 647 -28.05 5.32 -27.00
N MET A 648 -29.26 5.85 -26.93
CA MET A 648 -30.19 5.37 -25.92
C MET A 648 -30.48 3.89 -26.10
N ALA A 649 -30.51 3.42 -27.35
CA ALA A 649 -30.71 2.00 -27.59
C ALA A 649 -29.59 1.17 -26.97
N ILE A 650 -28.34 1.56 -27.23
CA ILE A 650 -27.20 0.80 -26.70
C ILE A 650 -27.17 0.90 -25.17
N LEU A 651 -27.47 2.08 -24.64
CA LEU A 651 -27.40 2.27 -23.20
C LEU A 651 -28.46 1.43 -22.48
N VAL A 652 -29.69 1.38 -23.02
CA VAL A 652 -30.67 0.51 -22.40
C VAL A 652 -30.34 -0.95 -22.65
N ASN A 653 -29.60 -1.27 -23.72
CA ASN A 653 -29.08 -2.63 -23.83
C ASN A 653 -28.13 -2.96 -22.70
N THR A 654 -27.24 -2.02 -22.37
CA THR A 654 -26.33 -2.23 -21.25
C THR A 654 -27.10 -2.39 -19.95
N VAL A 655 -28.09 -1.53 -19.71
CA VAL A 655 -28.91 -1.66 -18.51
C VAL A 655 -29.58 -3.01 -18.47
N SER A 656 -30.10 -3.48 -19.61
CA SER A 656 -30.74 -4.79 -19.66
C SER A 656 -29.74 -5.89 -19.30
N MET A 657 -28.51 -5.78 -19.79
CA MET A 657 -27.49 -6.75 -19.41
C MET A 657 -27.17 -6.69 -17.93
N GLY A 658 -27.30 -5.53 -17.30
CA GLY A 658 -27.00 -5.41 -15.88
C GLY A 658 -28.06 -5.97 -14.95
N ILE A 659 -29.30 -6.12 -15.42
CA ILE A 659 -30.39 -6.56 -14.53
C ILE A 659 -30.15 -7.98 -14.04
N GLU A 660 -29.58 -8.82 -14.90
CA GLU A 660 -29.47 -10.24 -14.59
C GLU A 660 -28.71 -10.49 -13.30
N HIS A 661 -29.18 -11.48 -12.53
CA HIS A 661 -28.58 -11.81 -11.25
C HIS A 661 -28.83 -13.28 -10.97
N HIS A 662 -28.52 -13.71 -9.76
CA HIS A 662 -28.75 -15.09 -9.36
C HIS A 662 -30.22 -15.30 -9.04
N GLU A 663 -30.62 -16.57 -8.96
CA GLU A 663 -32.00 -17.02 -8.80
C GLU A 663 -32.96 -16.15 -9.60
N GLN A 664 -32.56 -15.90 -10.84
CA GLN A 664 -33.29 -14.99 -11.71
C GLN A 664 -34.64 -15.59 -12.08
N PRO A 665 -35.71 -14.79 -12.03
CA PRO A 665 -37.05 -15.33 -12.31
C PRO A 665 -37.15 -15.86 -13.73
N GLU A 666 -38.03 -16.85 -13.90
CA GLU A 666 -38.19 -17.50 -15.19
C GLU A 666 -38.65 -16.50 -16.25
N GLU A 667 -39.60 -15.64 -15.90
CA GLU A 667 -40.20 -14.73 -16.87
C GLU A 667 -39.29 -13.55 -17.19
N LEU A 668 -38.56 -13.04 -16.18
CA LEU A 668 -37.71 -11.89 -16.41
C LEU A 668 -36.58 -12.22 -17.40
N THR A 669 -35.96 -13.39 -17.25
CA THR A 669 -34.92 -13.76 -18.22
C THR A 669 -35.52 -13.93 -19.61
N ASN A 670 -36.75 -14.42 -19.70
CA ASN A 670 -37.40 -14.56 -20.99
C ASN A 670 -37.59 -13.20 -21.65
N ILE A 671 -38.04 -12.22 -20.88
CA ILE A 671 -38.10 -10.85 -21.40
C ILE A 671 -36.72 -10.39 -21.83
N LEU A 672 -35.68 -10.80 -21.10
CA LEU A 672 -34.32 -10.42 -21.48
C LEU A 672 -33.93 -10.98 -22.85
N GLU A 673 -34.21 -12.24 -23.14
CA GLU A 673 -33.84 -12.72 -24.46
C GLU A 673 -34.68 -12.03 -25.54
N ILE A 674 -35.96 -11.79 -25.26
CA ILE A 674 -36.79 -11.08 -26.24
C ILE A 674 -36.19 -9.71 -26.53
N CYS A 675 -35.80 -8.99 -25.48
CA CYS A 675 -35.20 -7.67 -25.63
C CYS A 675 -33.87 -7.74 -26.36
N ASN A 676 -33.07 -8.78 -26.11
CA ASN A 676 -31.82 -8.92 -26.84
C ASN A 676 -32.08 -9.10 -28.34
N VAL A 677 -33.11 -9.88 -28.68
CA VAL A 677 -33.44 -10.06 -30.09
C VAL A 677 -33.87 -8.73 -30.70
N VAL A 678 -34.70 -7.97 -29.98
CA VAL A 678 -35.11 -6.66 -30.49
C VAL A 678 -33.90 -5.76 -30.71
N PHE A 679 -33.01 -5.72 -29.72
CA PHE A 679 -31.83 -4.88 -29.84
C PHE A 679 -30.99 -5.28 -31.04
N THR A 680 -30.61 -6.57 -31.13
CA THR A 680 -29.75 -7.00 -32.22
C THR A 680 -30.44 -6.81 -33.57
N SER A 681 -31.77 -6.87 -33.61
CA SER A 681 -32.48 -6.49 -34.82
C SER A 681 -32.27 -5.02 -35.13
N MET A 682 -32.24 -4.16 -34.10
CA MET A 682 -31.98 -2.75 -34.36
C MET A 682 -30.56 -2.54 -34.89
N PHE A 683 -29.58 -3.22 -34.30
CA PHE A 683 -28.22 -3.04 -34.82
C PHE A 683 -28.07 -3.63 -36.23
N ALA A 684 -28.77 -4.72 -36.53
CA ALA A 684 -28.72 -5.27 -37.88
C ALA A 684 -29.41 -4.36 -38.89
N LEU A 685 -30.51 -3.73 -38.48
CA LEU A 685 -31.15 -2.72 -39.33
C LEU A 685 -30.20 -1.58 -39.59
N GLU A 686 -29.48 -1.11 -38.56
CA GLU A 686 -28.48 -0.08 -38.77
C GLU A 686 -27.41 -0.56 -39.73
N MET A 687 -26.97 -1.80 -39.58
CA MET A 687 -25.98 -2.41 -40.47
C MET A 687 -26.43 -2.34 -41.92
N ILE A 688 -27.64 -2.82 -42.19
CA ILE A 688 -28.15 -2.82 -43.56
C ILE A 688 -28.29 -1.40 -44.07
N LEU A 689 -28.77 -0.48 -43.24
CA LEU A 689 -29.04 0.88 -43.72
C LEU A 689 -27.74 1.61 -44.05
N LYS A 690 -26.77 1.58 -43.14
CA LYS A 690 -25.63 2.48 -43.29
C LYS A 690 -24.66 2.03 -44.36
N LEU A 691 -24.81 0.81 -44.89
CA LEU A 691 -24.01 0.42 -46.06
C LEU A 691 -24.77 0.66 -47.35
N ALA A 692 -26.10 0.67 -47.30
CA ALA A 692 -26.90 0.92 -48.49
C ALA A 692 -26.74 2.37 -48.96
N ALA A 693 -27.03 3.32 -48.08
CA ALA A 693 -26.91 4.73 -48.44
C ALA A 693 -25.47 5.16 -48.62
N PHE A 694 -24.50 4.34 -48.21
CA PHE A 694 -23.10 4.70 -48.27
C PHE A 694 -22.29 3.90 -49.28
N GLY A 695 -22.59 2.63 -49.47
CA GLY A 695 -21.75 1.76 -50.26
C GLY A 695 -20.74 1.01 -49.39
N LEU A 696 -20.21 -0.07 -49.95
CA LEU A 696 -19.33 -0.93 -49.16
C LEU A 696 -18.05 -0.20 -48.75
N PHE A 697 -17.43 0.53 -49.69
CA PHE A 697 -16.16 1.17 -49.37
C PHE A 697 -16.36 2.33 -48.39
N ASP A 698 -17.41 3.12 -48.58
CA ASP A 698 -17.72 4.16 -47.61
C ASP A 698 -17.99 3.56 -46.23
N TYR A 699 -18.60 2.37 -46.21
CA TYR A 699 -18.82 1.70 -44.94
C TYR A 699 -17.51 1.29 -44.28
N LEU A 700 -16.63 0.64 -45.03
CA LEU A 700 -15.38 0.13 -44.50
C LEU A 700 -14.36 1.23 -44.23
N ARG A 701 -14.65 2.47 -44.63
CA ARG A 701 -13.71 3.56 -44.39
C ARG A 701 -13.48 3.78 -42.90
N ASN A 702 -14.54 3.75 -42.10
CA ASN A 702 -14.42 3.94 -40.67
C ASN A 702 -14.33 2.58 -39.99
N PRO A 703 -13.28 2.31 -39.22
CA PRO A 703 -13.17 0.98 -38.58
C PRO A 703 -14.21 0.73 -37.50
N TYR A 704 -14.85 1.79 -36.98
CA TYR A 704 -15.96 1.59 -36.07
C TYR A 704 -17.08 0.81 -36.76
N ASN A 705 -17.23 1.00 -38.06
CA ASN A 705 -18.17 0.19 -38.83
C ASN A 705 -17.75 -1.27 -38.85
N ILE A 706 -16.44 -1.54 -38.94
CA ILE A 706 -15.97 -2.93 -38.87
C ILE A 706 -16.31 -3.53 -37.51
N PHE A 707 -16.09 -2.75 -36.45
CA PHE A 707 -16.40 -3.23 -35.10
C PHE A 707 -17.89 -3.55 -34.99
N ASP A 708 -18.74 -2.68 -35.53
CA ASP A 708 -20.17 -2.89 -35.45
C ASP A 708 -20.58 -4.11 -36.27
N SER A 709 -19.91 -4.33 -37.41
CA SER A 709 -20.19 -5.52 -38.20
C SER A 709 -19.83 -6.78 -37.44
N ILE A 710 -18.69 -6.78 -36.75
CA ILE A 710 -18.34 -7.93 -35.92
C ILE A 710 -19.39 -8.15 -34.84
N ILE A 711 -19.85 -7.07 -34.22
CA ILE A 711 -20.84 -7.21 -33.16
C ILE A 711 -22.13 -7.81 -33.71
N VAL A 712 -22.59 -7.32 -34.86
CA VAL A 712 -23.87 -7.79 -35.39
C VAL A 712 -23.75 -9.23 -35.85
N ILE A 713 -22.61 -9.62 -36.43
CA ILE A 713 -22.46 -11.00 -36.88
C ILE A 713 -22.37 -11.94 -35.68
N ILE A 714 -21.65 -11.54 -34.63
CA ILE A 714 -21.60 -12.37 -33.43
C ILE A 714 -22.98 -12.51 -32.82
N SER A 715 -23.75 -11.42 -32.78
CA SER A 715 -25.09 -11.48 -32.22
C SER A 715 -25.98 -12.42 -33.02
N ILE A 716 -26.00 -12.28 -34.34
CA ILE A 716 -26.88 -13.12 -35.15
C ILE A 716 -26.45 -14.57 -35.07
N TRP A 717 -25.14 -14.83 -34.99
CA TRP A 717 -24.67 -16.19 -34.80
C TRP A 717 -25.16 -16.74 -33.47
N GLU A 718 -25.09 -15.93 -32.42
CA GLU A 718 -25.55 -16.37 -31.10
C GLU A 718 -27.03 -16.70 -31.12
N ILE A 719 -27.83 -15.91 -31.85
CA ILE A 719 -29.27 -16.16 -31.88
C ILE A 719 -29.57 -17.54 -32.45
N VAL A 720 -28.99 -17.85 -33.61
CA VAL A 720 -29.36 -19.08 -34.31
C VAL A 720 -28.63 -20.29 -33.70
N GLY A 721 -27.62 -20.04 -32.89
CA GLY A 721 -26.90 -21.13 -32.25
C GLY A 721 -27.51 -21.58 -30.94
N GLN A 722 -28.80 -21.91 -30.95
CA GLN A 722 -29.49 -22.37 -29.76
C GLN A 722 -29.29 -23.86 -29.51
N ALA A 723 -28.29 -24.47 -30.15
CA ALA A 723 -27.96 -25.88 -29.93
C ALA A 723 -26.94 -26.05 -28.81
N ASP A 724 -25.74 -25.50 -28.99
CA ASP A 724 -24.70 -25.46 -27.97
C ASP A 724 -23.62 -24.50 -28.46
N GLY A 725 -22.65 -24.23 -27.60
CA GLY A 725 -21.52 -23.40 -27.94
C GLY A 725 -21.86 -21.92 -27.96
N GLY A 726 -22.82 -21.54 -28.79
CA GLY A 726 -23.17 -20.13 -28.92
C GLY A 726 -23.76 -19.55 -27.64
N LEU A 727 -24.64 -20.30 -26.98
CA LEU A 727 -25.34 -19.77 -25.81
C LEU A 727 -24.41 -19.55 -24.62
N SER A 728 -23.20 -20.10 -24.65
CA SER A 728 -22.30 -20.07 -23.50
C SER A 728 -21.17 -19.06 -23.63
N VAL A 729 -20.70 -18.79 -24.85
CA VAL A 729 -19.54 -17.93 -25.09
C VAL A 729 -19.95 -16.63 -25.79
N LEU A 730 -20.79 -16.74 -26.81
CA LEU A 730 -21.29 -15.54 -27.47
C LEU A 730 -22.15 -14.73 -26.51
N ARG A 731 -22.68 -15.38 -25.47
CA ARG A 731 -23.25 -14.63 -24.37
C ARG A 731 -22.21 -13.74 -23.72
N THR A 732 -21.00 -14.26 -23.52
CA THR A 732 -19.93 -13.45 -22.96
C THR A 732 -19.48 -12.36 -23.91
N PHE A 733 -19.58 -12.58 -25.22
CA PHE A 733 -19.25 -11.49 -26.13
C PHE A 733 -20.32 -10.42 -26.24
N ARG A 734 -21.45 -10.55 -25.54
CA ARG A 734 -22.43 -9.47 -25.55
C ARG A 734 -21.86 -8.16 -25.01
N LEU A 735 -20.94 -8.23 -24.05
CA LEU A 735 -20.45 -7.02 -23.40
C LEU A 735 -19.77 -6.06 -24.36
N LEU A 736 -19.35 -6.55 -25.54
CA LEU A 736 -18.65 -5.66 -26.46
C LEU A 736 -19.53 -4.53 -26.97
N ARG A 737 -20.85 -4.71 -26.92
CA ARG A 737 -21.75 -3.63 -27.31
C ARG A 737 -21.61 -2.42 -26.40
N VAL A 738 -21.12 -2.60 -25.18
CA VAL A 738 -20.91 -1.46 -24.29
C VAL A 738 -19.84 -0.55 -24.86
N LEU A 739 -18.81 -1.14 -25.48
CA LEU A 739 -17.69 -0.35 -25.99
C LEU A 739 -18.09 0.57 -27.14
N LYS A 740 -19.26 0.36 -27.74
CA LYS A 740 -19.70 1.23 -28.83
C LYS A 740 -19.88 2.67 -28.39
N LEU A 741 -20.03 2.92 -27.09
CA LEU A 741 -20.21 4.28 -26.61
C LEU A 741 -19.00 5.16 -26.87
N VAL A 742 -17.82 4.56 -27.11
CA VAL A 742 -16.64 5.37 -27.38
C VAL A 742 -16.82 6.16 -28.66
N ARG A 743 -17.67 5.69 -29.57
CA ARG A 743 -17.94 6.39 -30.82
C ARG A 743 -18.71 7.68 -30.60
N PHE A 744 -19.20 7.93 -29.38
CA PHE A 744 -20.15 9.00 -29.13
C PHE A 744 -19.61 10.09 -28.22
N MET A 745 -18.89 9.73 -27.16
CA MET A 745 -18.28 10.74 -26.31
C MET A 745 -17.00 11.25 -26.95
N PRO A 746 -16.87 12.54 -27.23
CA PRO A 746 -15.68 13.04 -27.93
C PRO A 746 -14.47 13.17 -27.03
N ALA A 747 -14.69 13.53 -25.76
CA ALA A 747 -13.56 13.67 -24.84
C ALA A 747 -12.95 12.32 -24.47
N LEU A 748 -13.77 11.27 -24.42
CA LEU A 748 -13.25 9.93 -24.13
C LEU A 748 -12.44 9.35 -25.27
N ARG A 749 -12.69 9.75 -26.52
CA ARG A 749 -11.75 9.39 -27.57
C ARG A 749 -10.37 9.97 -27.25
N ARG A 750 -10.34 11.25 -26.88
CA ARG A 750 -9.07 11.91 -26.60
C ARG A 750 -8.38 11.29 -25.40
N GLN A 751 -9.15 10.91 -24.38
CA GLN A 751 -8.54 10.31 -23.20
C GLN A 751 -7.92 8.96 -23.52
N LEU A 752 -8.62 8.12 -24.29
CA LEU A 752 -8.04 6.83 -24.65
C LEU A 752 -6.87 7.00 -25.62
N VAL A 753 -6.91 8.03 -26.46
CA VAL A 753 -5.77 8.31 -27.31
C VAL A 753 -4.56 8.69 -26.47
N VAL A 754 -4.77 9.50 -25.43
CA VAL A 754 -3.69 9.83 -24.52
C VAL A 754 -3.17 8.57 -23.83
N LEU A 755 -4.07 7.69 -23.43
CA LEU A 755 -3.65 6.45 -22.75
C LEU A 755 -2.83 5.58 -23.69
N MET A 756 -3.22 5.51 -24.96
CA MET A 756 -2.41 4.78 -25.93
C MET A 756 -1.06 5.44 -26.14
N LYS A 757 -1.02 6.78 -26.12
CA LYS A 757 0.26 7.48 -26.17
C LYS A 757 1.16 7.04 -25.02
N THR A 758 0.59 6.91 -23.82
CA THR A 758 1.36 6.39 -22.70
C THR A 758 1.81 4.96 -22.95
N MET A 759 0.87 4.09 -23.34
CA MET A 759 1.15 2.67 -23.49
C MET A 759 2.17 2.40 -24.58
N ASP A 760 2.44 3.37 -25.44
CA ASP A 760 3.59 3.25 -26.33
C ASP A 760 4.87 2.96 -25.56
N ASN A 761 5.02 3.54 -24.36
CA ASN A 761 6.22 3.39 -23.55
C ASN A 761 6.08 2.38 -22.42
N VAL A 762 4.85 2.00 -22.07
CA VAL A 762 4.65 1.03 -21.01
C VAL A 762 5.06 -0.36 -21.46
N ALA A 763 5.00 -0.62 -22.77
CA ALA A 763 5.26 -1.96 -23.28
C ALA A 763 6.65 -2.45 -22.87
N THR A 764 7.68 -1.63 -23.09
CA THR A 764 9.02 -2.03 -22.70
C THR A 764 9.12 -2.20 -21.18
N PHE A 765 8.43 -1.34 -20.42
CA PHE A 765 8.39 -1.54 -18.98
C PHE A 765 7.64 -2.81 -18.61
N CYS A 766 6.58 -3.16 -19.35
CA CYS A 766 5.89 -4.41 -19.06
C CYS A 766 6.81 -5.60 -19.30
N MET A 767 7.59 -5.57 -20.38
CA MET A 767 8.56 -6.63 -20.62
C MET A 767 9.61 -6.69 -19.53
N LEU A 768 10.10 -5.54 -19.08
CA LEU A 768 11.08 -5.54 -18.00
C LEU A 768 10.47 -6.08 -16.70
N LEU A 769 9.24 -5.69 -16.39
CA LEU A 769 8.58 -6.23 -15.21
C LEU A 769 8.31 -7.72 -15.37
N MET A 770 7.93 -8.16 -16.56
CA MET A 770 7.73 -9.59 -16.78
C MET A 770 9.02 -10.36 -16.58
N LEU A 771 10.14 -9.83 -17.07
CA LEU A 771 11.43 -10.47 -16.86
C LEU A 771 11.80 -10.51 -15.38
N PHE A 772 11.57 -9.41 -14.68
CA PHE A 772 11.84 -9.36 -13.25
C PHE A 772 11.03 -10.41 -12.50
N ILE A 773 9.72 -10.48 -12.79
CA ILE A 773 8.87 -11.47 -12.13
C ILE A 773 9.31 -12.87 -12.50
N PHE A 774 9.74 -13.08 -13.75
CA PHE A 774 10.17 -14.41 -14.14
C PHE A 774 11.43 -14.83 -13.38
N ILE A 775 12.42 -13.95 -13.30
CA ILE A 775 13.64 -14.30 -12.59
C ILE A 775 13.35 -14.57 -11.12
N PHE A 776 12.52 -13.72 -10.50
CA PHE A 776 12.27 -13.93 -9.08
C PHE A 776 11.39 -15.15 -8.83
N SER A 777 10.50 -15.48 -9.75
CA SER A 777 9.71 -16.70 -9.60
C SER A 777 10.59 -17.93 -9.78
N ILE A 778 11.56 -17.88 -10.69
CA ILE A 778 12.47 -19.02 -10.84
C ILE A 778 13.37 -19.16 -9.61
N LEU A 779 13.82 -18.03 -9.06
CA LEU A 779 14.57 -18.08 -7.81
C LEU A 779 13.75 -18.70 -6.69
N GLY A 780 12.48 -18.28 -6.58
CA GLY A 780 11.62 -18.86 -5.57
C GLY A 780 11.40 -20.34 -5.78
N MET A 781 11.23 -20.75 -7.04
CA MET A 781 11.11 -22.18 -7.32
C MET A 781 12.34 -22.94 -6.86
N HIS A 782 13.52 -22.38 -7.09
CA HIS A 782 14.75 -23.07 -6.74
C HIS A 782 14.90 -23.18 -5.23
N ILE A 783 14.67 -22.09 -4.50
CA ILE A 783 14.98 -22.12 -3.07
C ILE A 783 13.77 -22.51 -2.21
N PHE A 784 12.54 -22.33 -2.72
CA PHE A 784 11.35 -22.67 -1.96
C PHE A 784 10.56 -23.83 -2.57
N GLY A 785 11.15 -24.55 -3.51
CA GLY A 785 10.47 -25.68 -4.11
C GLY A 785 10.12 -26.76 -3.12
N CYS A 786 8.85 -27.16 -3.10
CA CYS A 786 8.28 -28.25 -2.31
C CYS A 786 8.66 -28.19 -0.83
N LYS A 787 8.95 -27.01 -0.29
CA LYS A 787 9.22 -26.85 1.13
C LYS A 787 8.07 -26.20 1.88
N PHE A 788 6.94 -25.96 1.22
CA PHE A 788 5.83 -25.24 1.81
C PHE A 788 4.72 -26.16 2.29
N SER A 789 4.93 -27.48 2.26
CA SER A 789 3.85 -28.43 2.49
C SER A 789 3.27 -28.29 3.90
N LEU A 790 2.02 -27.86 3.98
CA LEU A 790 1.34 -27.75 5.26
C LEU A 790 1.21 -29.11 5.93
N ARG A 791 1.36 -29.14 7.26
CA ARG A 791 1.33 -30.37 8.01
C ARG A 791 -0.08 -30.96 8.03
N THR A 792 -0.17 -32.27 8.23
CA THR A 792 -1.42 -32.98 7.97
C THR A 792 -2.50 -32.63 8.98
N ASP A 793 -3.73 -32.53 8.48
CA ASP A 793 -4.91 -32.30 9.31
C ASP A 793 -6.10 -33.18 8.92
N THR A 794 -6.07 -33.82 7.77
CA THR A 794 -7.17 -34.67 7.30
C THR A 794 -6.65 -36.00 6.78
N GLY A 795 -5.49 -36.43 7.25
CA GLY A 795 -4.85 -37.65 6.79
C GLY A 795 -3.67 -37.46 5.88
N ASP A 796 -3.42 -36.25 5.41
CA ASP A 796 -2.34 -36.01 4.46
C ASP A 796 -1.93 -34.54 4.54
N THR A 797 -0.72 -34.26 4.05
CA THR A 797 -0.15 -32.91 4.05
C THR A 797 -0.47 -32.24 2.72
N VAL A 798 -1.56 -31.48 2.69
CA VAL A 798 -1.94 -30.77 1.47
C VAL A 798 -0.98 -29.62 1.22
N PRO A 799 -0.51 -29.43 -0.01
CA PRO A 799 0.37 -28.28 -0.30
C PRO A 799 -0.32 -26.96 -0.06
N ASP A 800 0.47 -25.98 0.36
CA ASP A 800 -0.04 -24.63 0.56
C ASP A 800 -0.42 -24.01 -0.78
N ARG A 801 -1.50 -23.22 -0.77
CA ARG A 801 -1.92 -22.55 -2.00
C ARG A 801 -0.88 -21.56 -2.49
N LYS A 802 -0.27 -20.82 -1.57
CA LYS A 802 0.77 -19.86 -1.93
C LYS A 802 2.15 -20.51 -1.96
N ASN A 803 2.31 -21.52 -2.80
CA ASN A 803 3.54 -22.30 -2.84
C ASN A 803 4.37 -21.90 -4.06
N PHE A 804 5.47 -22.62 -4.27
CA PHE A 804 6.38 -22.38 -5.38
C PHE A 804 6.60 -23.67 -6.18
N ASP A 805 5.68 -24.63 -6.04
CA ASP A 805 5.87 -25.97 -6.58
C ASP A 805 5.96 -26.01 -8.10
N SER A 806 5.53 -24.96 -8.80
CA SER A 806 5.54 -24.98 -10.26
C SER A 806 5.60 -23.54 -10.74
N LEU A 807 5.93 -23.36 -12.02
CA LEU A 807 6.16 -22.01 -12.53
C LEU A 807 4.90 -21.15 -12.49
N LEU A 808 3.74 -21.73 -12.78
CA LEU A 808 2.52 -20.93 -12.73
C LEU A 808 2.29 -20.39 -11.33
N TRP A 809 2.40 -21.26 -10.33
CA TRP A 809 2.17 -20.82 -8.96
C TRP A 809 3.28 -19.90 -8.48
N ALA A 810 4.50 -20.11 -8.95
CA ALA A 810 5.58 -19.19 -8.61
C ALA A 810 5.29 -17.79 -9.13
N ILE A 811 4.83 -17.69 -10.38
CA ILE A 811 4.55 -16.36 -10.92
C ILE A 811 3.36 -15.73 -10.23
N VAL A 812 2.29 -16.49 -9.98
CA VAL A 812 1.14 -15.88 -9.33
C VAL A 812 1.50 -15.46 -7.89
N THR A 813 2.36 -16.23 -7.22
CA THR A 813 2.74 -15.88 -5.85
C THR A 813 3.67 -14.68 -5.82
N VAL A 814 4.59 -14.58 -6.78
CA VAL A 814 5.42 -13.39 -6.85
C VAL A 814 4.58 -12.17 -7.19
N PHE A 815 3.57 -12.34 -8.05
CA PHE A 815 2.66 -11.25 -8.34
C PHE A 815 1.90 -10.83 -7.08
N GLN A 816 1.43 -11.81 -6.30
CA GLN A 816 0.79 -11.53 -5.03
C GLN A 816 1.71 -10.75 -4.11
N ILE A 817 2.96 -11.18 -3.98
CA ILE A 817 3.90 -10.49 -3.11
C ILE A 817 4.13 -9.07 -3.60
N LEU A 818 4.21 -8.89 -4.91
CA LEU A 818 4.37 -7.55 -5.46
C LEU A 818 3.16 -6.67 -5.15
N THR A 819 1.98 -7.26 -5.02
CA THR A 819 0.83 -6.52 -4.56
C THR A 819 0.84 -6.34 -3.05
N GLN A 820 1.81 -6.93 -2.35
CA GLN A 820 1.95 -6.87 -0.90
C GLN A 820 0.62 -7.13 -0.18
N GLU A 821 -0.03 -8.21 -0.61
CA GLU A 821 -1.24 -8.68 0.04
C GLU A 821 -0.98 -10.09 0.55
N ASP A 822 -1.14 -10.28 1.87
CA ASP A 822 -0.87 -11.57 2.51
C ASP A 822 0.54 -12.05 2.23
N TRP A 823 1.43 -11.14 1.84
CA TRP A 823 2.82 -11.54 1.63
C TRP A 823 3.49 -11.94 2.92
N ASN A 824 3.00 -11.45 4.06
CA ASN A 824 3.60 -11.85 5.33
C ASN A 824 3.36 -13.33 5.60
N VAL A 825 2.24 -13.88 5.13
CA VAL A 825 1.98 -15.30 5.29
C VAL A 825 3.05 -16.12 4.57
N VAL A 826 3.36 -15.73 3.34
CA VAL A 826 4.39 -16.44 2.58
C VAL A 826 5.74 -16.22 3.22
N LEU A 827 6.03 -15.01 3.70
CA LEU A 827 7.28 -14.77 4.40
C LEU A 827 7.46 -15.71 5.58
N TYR A 828 6.43 -15.81 6.42
CA TYR A 828 6.54 -16.69 7.57
C TYR A 828 6.71 -18.13 7.14
N ASN A 829 5.84 -18.60 6.25
CA ASN A 829 5.83 -19.99 5.84
C ASN A 829 7.11 -20.40 5.12
N GLY A 830 7.82 -19.46 4.52
CA GLY A 830 9.05 -19.82 3.85
C GLY A 830 10.28 -19.58 4.71
N MET A 831 10.24 -18.57 5.56
CA MET A 831 11.35 -18.23 6.42
C MET A 831 11.47 -19.19 7.60
N ALA A 832 10.37 -19.82 8.02
CA ALA A 832 10.44 -20.87 9.02
C ALA A 832 10.76 -22.22 8.42
N SER A 833 10.91 -22.30 7.10
CA SER A 833 11.18 -23.56 6.41
C SER A 833 12.65 -23.72 6.07
N THR A 834 13.24 -22.77 5.35
CA THR A 834 14.65 -22.88 4.99
C THR A 834 15.53 -22.35 6.12
N SER A 835 15.41 -21.07 6.43
CA SER A 835 16.21 -20.43 7.46
C SER A 835 15.72 -19.01 7.66
N PRO A 836 16.01 -18.38 8.79
CA PRO A 836 15.59 -16.98 8.98
C PRO A 836 16.20 -16.03 7.98
N TRP A 837 17.30 -16.39 7.32
CA TRP A 837 17.86 -15.53 6.31
C TRP A 837 17.07 -15.52 5.02
N ALA A 838 16.06 -16.39 4.89
CA ALA A 838 15.25 -16.41 3.67
C ALA A 838 14.42 -15.15 3.51
N SER A 839 14.28 -14.33 4.55
CA SER A 839 13.55 -13.09 4.42
C SER A 839 14.22 -12.13 3.47
N LEU A 840 15.49 -12.34 3.16
CA LEU A 840 16.16 -11.46 2.20
C LEU A 840 15.58 -11.61 0.81
N TYR A 841 15.10 -12.80 0.45
CA TYR A 841 14.43 -12.97 -0.83
C TYR A 841 13.25 -12.02 -0.95
N PHE A 842 12.36 -12.04 0.06
CA PHE A 842 11.18 -11.18 0.02
C PHE A 842 11.55 -9.72 0.16
N VAL A 843 12.56 -9.39 0.97
CA VAL A 843 12.97 -7.99 1.08
C VAL A 843 13.47 -7.46 -0.26
N ALA A 844 14.34 -8.24 -0.92
CA ALA A 844 14.85 -7.81 -2.21
C ALA A 844 13.73 -7.71 -3.24
N LEU A 845 12.84 -8.70 -3.27
CA LEU A 845 11.73 -8.67 -4.22
C LEU A 845 10.83 -7.47 -3.99
N MET A 846 10.35 -7.28 -2.76
CA MET A 846 9.45 -6.18 -2.49
C MET A 846 10.12 -4.83 -2.72
N THR A 847 11.34 -4.65 -2.21
CA THR A 847 12.01 -3.37 -2.40
C THR A 847 12.20 -3.06 -3.87
N PHE A 848 12.82 -3.98 -4.63
CA PHE A 848 13.14 -3.66 -6.01
C PHE A 848 11.89 -3.55 -6.87
N GLY A 849 10.86 -4.35 -6.59
CA GLY A 849 9.64 -4.23 -7.33
C GLY A 849 8.88 -2.97 -7.00
N ASN A 850 8.35 -2.88 -5.79
CA ASN A 850 7.45 -1.80 -5.43
C ASN A 850 8.17 -0.47 -5.34
N TYR A 851 9.32 -0.42 -4.69
CA TYR A 851 9.94 0.86 -4.40
C TYR A 851 11.03 1.24 -5.39
N VAL A 852 11.23 0.48 -6.46
CA VAL A 852 12.13 0.93 -7.50
C VAL A 852 11.45 0.86 -8.86
N LEU A 853 10.99 -0.34 -9.24
CA LEU A 853 10.43 -0.52 -10.58
C LEU A 853 9.16 0.30 -10.75
N PHE A 854 8.27 0.29 -9.76
N PHE A 854 8.27 0.25 -9.76
CA PHE A 854 7.01 1.00 -9.93
CA PHE A 854 7.00 0.95 -9.82
C PHE A 854 7.18 2.51 -9.82
C PHE A 854 7.20 2.47 -9.81
N ASN A 855 8.13 2.96 -9.00
CA ASN A 855 8.45 4.37 -9.05
C ASN A 855 9.06 4.74 -10.39
N LEU A 856 9.79 3.81 -11.01
CA LEU A 856 10.26 4.03 -12.37
C LEU A 856 9.10 4.19 -13.35
N LEU A 857 8.06 3.35 -13.22
CA LEU A 857 6.92 3.48 -14.12
C LEU A 857 6.19 4.79 -13.90
N VAL A 858 6.04 5.19 -12.64
CA VAL A 858 5.40 6.48 -12.35
C VAL A 858 6.20 7.62 -12.97
N ALA A 859 7.52 7.56 -12.86
CA ALA A 859 8.36 8.59 -13.48
C ALA A 859 8.21 8.58 -14.99
N ILE A 860 8.14 7.38 -15.59
CA ILE A 860 7.95 7.28 -17.03
C ILE A 860 6.68 8.02 -17.44
N LEU A 861 5.59 7.79 -16.72
CA LEU A 861 4.35 8.48 -17.08
C LEU A 861 4.45 9.99 -16.87
N VAL A 862 5.00 10.43 -15.74
CA VAL A 862 4.98 11.86 -15.45
C VAL A 862 5.85 12.62 -16.44
N GLU A 863 6.94 12.01 -16.90
CA GLU A 863 7.76 12.71 -17.89
C GLU A 863 7.45 12.26 -19.31
N GLY A 864 6.45 11.43 -19.51
CA GLY A 864 5.84 11.31 -20.83
C GLY A 864 4.77 12.36 -21.04
N PHE A 865 4.00 12.66 -19.99
CA PHE A 865 3.05 13.77 -20.05
C PHE A 865 3.77 15.11 -20.16
N GLN A 866 4.83 15.29 -19.37
CA GLN A 866 5.54 16.55 -19.33
C GLN A 866 6.62 16.63 -20.42
N GLN A 1164 -28.76 44.47 7.63
CA GLN A 1164 -29.52 45.71 7.50
C GLN A 1164 -29.09 46.67 8.59
N THR A 1165 -28.97 46.16 9.81
CA THR A 1165 -28.43 46.94 10.91
C THR A 1165 -26.91 46.97 10.85
N ILE A 1166 -26.30 47.48 11.93
CA ILE A 1166 -24.84 47.57 11.98
C ILE A 1166 -24.22 46.18 11.90
N ILE A 1167 -22.95 46.14 11.50
CA ILE A 1167 -22.24 44.89 11.25
C ILE A 1167 -20.98 44.85 12.12
N ALA A 1168 -20.87 43.80 12.93
CA ALA A 1168 -19.70 43.59 13.78
C ALA A 1168 -18.98 42.33 13.32
N HIS A 1169 -17.83 42.50 12.67
CA HIS A 1169 -17.12 41.39 12.05
C HIS A 1169 -15.61 41.52 12.26
N LYS A 1170 -15.19 41.75 13.51
CA LYS A 1170 -13.75 41.85 13.79
C LYS A 1170 -13.17 40.54 14.29
N LEU A 1171 -13.71 39.97 15.38
CA LEU A 1171 -13.23 38.70 15.94
C LEU A 1171 -14.33 37.65 15.94
N PHE A 1172 -15.40 37.90 15.18
CA PHE A 1172 -16.56 37.04 15.22
C PHE A 1172 -16.24 35.63 14.73
N ASP A 1173 -15.48 35.53 13.63
CA ASP A 1173 -15.17 34.22 13.09
C ASP A 1173 -14.35 33.39 14.06
N TYR A 1174 -13.41 34.01 14.77
CA TYR A 1174 -12.62 33.25 15.72
C TYR A 1174 -13.44 32.84 16.94
N VAL A 1175 -14.35 33.71 17.40
CA VAL A 1175 -15.21 33.31 18.51
C VAL A 1175 -16.10 32.13 18.10
N VAL A 1176 -16.71 32.21 16.91
CA VAL A 1176 -17.52 31.10 16.45
C VAL A 1176 -16.67 29.87 16.21
N LEU A 1177 -15.40 30.05 15.81
CA LEU A 1177 -14.51 28.91 15.63
C LEU A 1177 -14.28 28.19 16.94
N ALA A 1178 -14.07 28.94 18.01
CA ALA A 1178 -13.98 28.31 19.33
C ALA A 1178 -15.28 27.58 19.67
N PHE A 1179 -16.41 28.18 19.33
CA PHE A 1179 -17.68 27.53 19.64
C PHE A 1179 -17.86 26.22 18.87
N ILE A 1180 -17.48 26.20 17.59
CA ILE A 1180 -17.56 24.97 16.81
C ILE A 1180 -16.57 23.94 17.32
N PHE A 1181 -15.40 24.39 17.82
CA PHE A 1181 -14.49 23.44 18.44
C PHE A 1181 -15.14 22.79 19.66
N LEU A 1182 -15.82 23.57 20.49
CA LEU A 1182 -16.54 23.00 21.62
C LEU A 1182 -17.63 22.06 21.14
N ASN A 1183 -18.25 22.38 20.01
CA ASN A 1183 -19.23 21.46 19.44
C ASN A 1183 -18.57 20.15 19.03
N CYS A 1184 -17.37 20.20 18.45
CA CYS A 1184 -16.66 18.97 18.14
C CYS A 1184 -16.39 18.17 19.41
N ILE A 1185 -16.00 18.86 20.48
CA ILE A 1185 -15.71 18.17 21.73
C ILE A 1185 -16.95 17.46 22.25
N THR A 1186 -18.11 18.12 22.20
CA THR A 1186 -19.32 17.46 22.68
C THR A 1186 -19.87 16.43 21.69
N ILE A 1187 -19.47 16.51 20.42
CA ILE A 1187 -19.79 15.46 19.47
C ILE A 1187 -18.99 14.21 19.74
N ALA A 1188 -17.75 14.36 20.18
CA ALA A 1188 -16.90 13.21 20.40
C ALA A 1188 -17.31 12.38 21.60
N LEU A 1189 -18.46 12.61 22.24
CA LEU A 1189 -18.88 11.81 23.39
C LEU A 1189 -20.17 11.05 23.17
N GLU A 1190 -20.88 11.26 22.07
CA GLU A 1190 -22.20 10.66 21.87
C GLU A 1190 -22.07 9.18 21.50
N ARG A 1191 -21.41 8.42 22.38
CA ARG A 1191 -21.27 7.00 22.16
C ARG A 1191 -22.57 6.28 22.50
N PRO A 1192 -22.87 5.18 21.82
CA PRO A 1192 -24.08 4.40 22.10
C PRO A 1192 -23.95 3.53 23.35
N GLN A 1193 -23.41 4.11 24.42
CA GLN A 1193 -23.21 3.41 25.67
C GLN A 1193 -23.79 4.16 26.86
N ILE A 1194 -23.98 5.48 26.75
CA ILE A 1194 -24.57 6.25 27.83
C ILE A 1194 -26.05 5.88 27.96
N GLU A 1195 -26.45 5.49 29.17
CA GLU A 1195 -27.82 5.04 29.39
C GLU A 1195 -28.78 6.22 29.40
N ALA A 1196 -30.06 5.90 29.17
CA ALA A 1196 -31.10 6.92 29.18
C ALA A 1196 -31.17 7.61 30.53
N GLY A 1197 -31.43 8.92 30.51
CA GLY A 1197 -31.51 9.70 31.73
C GLY A 1197 -30.18 10.00 32.39
N SER A 1198 -29.07 9.81 31.68
CA SER A 1198 -27.76 9.96 32.26
C SER A 1198 -27.48 11.42 32.58
N THR A 1199 -26.49 11.64 33.45
CA THR A 1199 -26.00 12.99 33.68
C THR A 1199 -25.35 13.55 32.42
N GLU A 1200 -24.61 12.71 31.70
CA GLU A 1200 -23.99 13.15 30.46
C GLU A 1200 -25.03 13.34 29.35
N ARG A 1201 -26.04 12.47 29.30
CA ARG A 1201 -27.08 12.61 28.29
C ARG A 1201 -27.75 13.98 28.39
N ILE A 1202 -28.08 14.39 29.61
CA ILE A 1202 -28.67 15.72 29.81
C ILE A 1202 -27.70 16.80 29.35
N PHE A 1203 -26.42 16.61 29.64
CA PHE A 1203 -25.42 17.58 29.20
C PHE A 1203 -25.40 17.68 27.68
N LEU A 1204 -25.44 16.55 26.98
CA LEU A 1204 -25.44 16.60 25.52
C LEU A 1204 -26.69 17.26 24.98
N THR A 1205 -27.85 16.98 25.58
CA THR A 1205 -29.07 17.62 25.11
C THR A 1205 -29.01 19.14 25.30
N VAL A 1206 -28.59 19.59 26.47
CA VAL A 1206 -28.52 21.03 26.73
C VAL A 1206 -27.47 21.68 25.84
N SER A 1207 -26.32 21.03 25.65
CA SER A 1207 -25.30 21.57 24.78
C SER A 1207 -25.79 21.65 23.34
N ASN A 1208 -26.54 20.65 22.89
CA ASN A 1208 -27.13 20.69 21.56
C ASN A 1208 -28.07 21.88 21.43
N TYR A 1209 -28.93 22.10 22.43
CA TYR A 1209 -29.83 23.25 22.41
C TYR A 1209 -29.06 24.55 22.28
N ILE A 1210 -28.06 24.74 23.15
CA ILE A 1210 -27.32 26.00 23.19
C ILE A 1210 -26.55 26.22 21.89
N PHE A 1211 -25.90 25.17 21.39
CA PHE A 1211 -25.14 25.29 20.15
C PHE A 1211 -26.05 25.63 18.97
N THR A 1212 -27.22 24.99 18.90
CA THR A 1212 -28.15 25.33 17.83
C THR A 1212 -28.60 26.78 17.94
N ALA A 1213 -28.86 27.26 19.16
CA ALA A 1213 -29.24 28.66 19.33
C ALA A 1213 -28.13 29.59 18.85
N ILE A 1214 -26.88 29.29 19.22
CA ILE A 1214 -25.75 30.14 18.82
C ILE A 1214 -25.60 30.15 17.32
N PHE A 1215 -25.75 29.00 16.68
CA PHE A 1215 -25.58 28.94 15.23
C PHE A 1215 -26.73 29.62 14.50
N VAL A 1216 -27.94 29.55 15.07
CA VAL A 1216 -29.04 30.32 14.50
C VAL A 1216 -28.75 31.81 14.61
N GLY A 1217 -28.21 32.25 15.73
CA GLY A 1217 -27.83 33.65 15.85
C GLY A 1217 -26.78 34.04 14.83
N GLU A 1218 -25.79 33.18 14.63
CA GLU A 1218 -24.77 33.44 13.62
C GLU A 1218 -25.38 33.55 12.23
N MET A 1219 -26.27 32.63 11.88
CA MET A 1219 -26.93 32.71 10.58
C MET A 1219 -27.73 33.99 10.44
N THR A 1220 -28.44 34.38 11.49
CA THR A 1220 -29.26 35.58 11.42
C THR A 1220 -28.41 36.83 11.22
N LEU A 1221 -27.28 36.93 11.93
CA LEU A 1221 -26.40 38.07 11.70
C LEU A 1221 -25.85 38.07 10.28
N LYS A 1222 -25.43 36.91 9.78
CA LYS A 1222 -24.92 36.84 8.41
C LYS A 1222 -25.99 37.27 7.41
N VAL A 1223 -27.24 36.83 7.62
CA VAL A 1223 -28.27 37.08 6.63
C VAL A 1223 -28.73 38.53 6.68
N VAL A 1224 -28.88 39.11 7.87
CA VAL A 1224 -29.25 40.52 7.92
C VAL A 1224 -28.11 41.38 7.36
N SER A 1225 -26.87 40.91 7.47
CA SER A 1225 -25.79 41.56 6.76
C SER A 1225 -25.96 41.45 5.25
N LEU A 1226 -26.55 40.34 4.79
CA LEU A 1226 -26.58 40.03 3.36
C LEU A 1226 -27.97 39.94 2.78
N GLY A 1227 -28.81 39.06 3.30
CA GLY A 1227 -30.09 38.75 2.69
C GLY A 1227 -30.00 37.37 2.07
N LEU A 1228 -31.10 36.62 2.15
CA LEU A 1228 -31.09 35.22 1.72
C LEU A 1228 -30.68 35.12 0.26
N TYR A 1229 -31.52 35.62 -0.64
CA TYR A 1229 -31.16 35.75 -2.04
C TYR A 1229 -31.65 37.08 -2.59
N PHE A 1230 -31.82 38.09 -1.74
CA PHE A 1230 -32.31 39.40 -2.15
C PHE A 1230 -31.16 40.12 -2.83
N GLY A 1231 -30.96 39.81 -4.11
CA GLY A 1231 -29.95 40.50 -4.91
C GLY A 1231 -28.60 39.82 -4.87
N GLU A 1232 -27.65 40.44 -5.56
CA GLU A 1232 -26.32 39.88 -5.69
C GLU A 1232 -25.52 40.07 -4.40
N GLN A 1233 -24.50 39.23 -4.24
CA GLN A 1233 -23.65 39.23 -3.05
C GLN A 1233 -24.48 39.01 -1.80
N ALA A 1234 -25.50 38.18 -1.93
CA ALA A 1234 -26.40 37.82 -0.85
C ALA A 1234 -25.79 36.70 -0.02
N TYR A 1235 -26.56 36.20 0.94
CA TYR A 1235 -26.04 35.16 1.82
C TYR A 1235 -25.77 33.86 1.04
N LEU A 1236 -26.73 33.41 0.26
CA LEU A 1236 -26.65 32.07 -0.31
C LEU A 1236 -25.90 32.00 -1.63
N ARG A 1237 -25.11 33.01 -1.97
CA ARG A 1237 -24.35 32.99 -3.21
C ARG A 1237 -22.95 32.39 -3.05
N SER A 1238 -22.62 31.85 -1.88
CA SER A 1238 -21.40 31.08 -1.72
C SER A 1238 -21.76 29.69 -1.21
N SER A 1239 -20.99 28.69 -1.65
CA SER A 1239 -21.29 27.31 -1.31
C SER A 1239 -21.21 27.08 0.19
N TRP A 1240 -20.22 27.68 0.86
CA TRP A 1240 -20.09 27.50 2.29
C TRP A 1240 -21.31 28.02 3.04
N ASN A 1241 -21.85 29.17 2.62
CA ASN A 1241 -23.01 29.72 3.30
C ASN A 1241 -24.23 28.83 3.11
N VAL A 1242 -24.36 28.21 1.94
CA VAL A 1242 -25.43 27.24 1.71
C VAL A 1242 -25.28 26.07 2.66
N LEU A 1243 -24.03 25.62 2.86
CA LEU A 1243 -23.79 24.54 3.83
C LEU A 1243 -24.18 24.97 5.24
N ASP A 1244 -23.89 26.21 5.59
CA ASP A 1244 -24.25 26.71 6.92
C ASP A 1244 -25.76 26.69 7.11
N GLY A 1245 -26.49 27.23 6.14
CA GLY A 1245 -27.95 27.22 6.23
C GLY A 1245 -28.51 25.82 6.25
N PHE A 1246 -27.94 24.93 5.44
CA PHE A 1246 -28.39 23.54 5.44
C PHE A 1246 -28.18 22.90 6.79
N LEU A 1247 -27.02 23.11 7.40
CA LEU A 1247 -26.73 22.52 8.69
C LEU A 1247 -27.67 23.06 9.77
N VAL A 1248 -27.94 24.37 9.74
CA VAL A 1248 -28.79 24.93 10.78
C VAL A 1248 -30.23 24.48 10.60
N PHE A 1249 -30.71 24.38 9.36
CA PHE A 1249 -32.03 23.79 9.14
C PHE A 1249 -32.09 22.36 9.64
N VAL A 1250 -31.06 21.57 9.35
CA VAL A 1250 -31.03 20.19 9.84
C VAL A 1250 -31.10 20.17 11.35
N SER A 1251 -30.31 21.00 12.01
CA SER A 1251 -30.29 21.01 13.47
C SER A 1251 -31.65 21.40 14.04
N ILE A 1252 -32.28 22.43 13.47
CA ILE A 1252 -33.54 22.92 14.03
C ILE A 1252 -34.66 21.93 13.78
N ILE A 1253 -34.69 21.31 12.60
CA ILE A 1253 -35.68 20.28 12.34
C ILE A 1253 -35.46 19.10 13.27
N ASP A 1254 -34.20 18.74 13.53
CA ASP A 1254 -33.92 17.66 14.46
C ASP A 1254 -34.41 18.03 15.86
N ILE A 1255 -34.23 19.28 16.25
CA ILE A 1255 -34.70 19.71 17.57
C ILE A 1255 -36.21 19.58 17.67
N VAL A 1256 -36.94 20.05 16.67
CA VAL A 1256 -38.40 20.03 16.77
C VAL A 1256 -38.92 18.59 16.71
N VAL A 1257 -38.28 17.75 15.90
CA VAL A 1257 -38.70 16.35 15.84
C VAL A 1257 -38.39 15.64 17.15
N SER A 1258 -37.24 15.94 17.76
CA SER A 1258 -36.91 15.35 19.06
C SER A 1258 -37.91 15.80 20.12
N LEU A 1259 -38.30 17.07 20.09
CA LEU A 1259 -39.37 17.54 20.97
C LEU A 1259 -40.70 16.90 20.62
N ALA A 1260 -40.83 16.35 19.42
CA ALA A 1260 -41.99 15.57 19.02
C ALA A 1260 -41.82 14.09 19.35
N SER A 1261 -41.00 13.77 20.36
CA SER A 1261 -40.73 12.38 20.71
C SER A 1261 -41.99 11.65 21.16
N ALA A 1262 -43.03 12.37 21.56
CA ALA A 1262 -44.29 11.73 21.90
C ALA A 1262 -44.91 11.10 20.67
N GLY A 1263 -44.94 9.77 20.62
CA GLY A 1263 -45.41 9.08 19.44
C GLY A 1263 -44.36 8.97 18.36
N GLY A 1264 -43.25 8.31 18.69
CA GLY A 1264 -42.13 8.18 17.78
C GLY A 1264 -42.20 7.05 16.78
N ALA A 1265 -43.30 6.31 16.72
CA ALA A 1265 -43.42 5.22 15.78
C ALA A 1265 -43.42 5.74 14.34
N LYS A 1266 -42.69 5.03 13.47
CA LYS A 1266 -42.55 5.29 12.04
C LYS A 1266 -41.73 6.54 11.72
N ILE A 1267 -41.21 7.25 12.73
CA ILE A 1267 -40.33 8.40 12.50
C ILE A 1267 -38.94 8.19 13.08
N LEU A 1268 -38.67 7.00 13.61
CA LEU A 1268 -37.33 6.72 14.10
C LEU A 1268 -36.31 6.70 12.96
N GLY A 1269 -36.76 6.35 11.76
CA GLY A 1269 -35.88 6.48 10.61
C GLY A 1269 -35.51 7.92 10.33
N VAL A 1270 -36.49 8.83 10.45
CA VAL A 1270 -36.20 10.25 10.35
C VAL A 1270 -35.20 10.64 11.43
N LEU A 1271 -35.38 10.12 12.64
CA LEU A 1271 -34.43 10.42 13.71
C LEU A 1271 -33.03 9.96 13.33
N ARG A 1272 -32.91 8.76 12.75
CA ARG A 1272 -31.60 8.26 12.35
C ARG A 1272 -30.96 9.17 11.31
N VAL A 1273 -31.73 9.59 10.32
CA VAL A 1273 -31.17 10.42 9.25
C VAL A 1273 -30.71 11.76 9.82
N LEU A 1274 -31.54 12.38 10.66
CA LEU A 1274 -31.15 13.67 11.22
C LEU A 1274 -29.96 13.54 12.17
N ARG A 1275 -29.82 12.40 12.87
CA ARG A 1275 -28.63 12.22 13.69
C ARG A 1275 -27.39 12.03 12.83
N LEU A 1276 -27.52 11.32 11.71
CA LEU A 1276 -26.39 11.21 10.78
C LEU A 1276 -25.96 12.58 10.29
N LEU A 1277 -26.94 13.45 10.01
CA LEU A 1277 -26.57 14.80 9.60
C LEU A 1277 -25.98 15.62 10.75
N ARG A 1278 -26.43 15.40 11.99
CA ARG A 1278 -25.70 15.99 13.13
C ARG A 1278 -24.24 15.57 13.11
N THR A 1279 -23.97 14.30 12.83
CA THR A 1279 -22.58 13.85 12.78
C THR A 1279 -21.84 14.50 11.63
N LEU A 1280 -22.55 14.82 10.55
CA LEU A 1280 -21.94 15.59 9.47
C LEU A 1280 -21.68 17.05 9.88
N ARG A 1281 -22.38 17.54 10.90
CA ARG A 1281 -22.32 18.96 11.27
C ARG A 1281 -20.92 19.53 11.49
N PRO A 1282 -19.99 18.89 12.21
CA PRO A 1282 -18.72 19.58 12.50
C PRO A 1282 -17.89 19.80 11.26
N LEU A 1283 -18.41 20.62 10.35
CA LEU A 1283 -17.82 20.82 9.04
C LEU A 1283 -17.67 22.29 8.70
N ARG A 1284 -18.28 23.19 9.49
CA ARG A 1284 -18.17 24.62 9.27
C ARG A 1284 -16.77 25.17 9.50
N VAL A 1285 -15.88 24.37 10.09
CA VAL A 1285 -14.50 24.77 10.28
C VAL A 1285 -13.86 25.09 8.93
N ILE A 1286 -14.30 24.42 7.86
CA ILE A 1286 -13.78 24.73 6.54
C ILE A 1286 -14.10 26.16 6.15
N SER A 1287 -15.32 26.60 6.44
CA SER A 1287 -15.71 27.96 6.09
C SER A 1287 -15.06 28.98 7.03
N ARG A 1288 -14.77 28.58 8.26
CA ARG A 1288 -14.25 29.49 9.26
C ARG A 1288 -12.72 29.43 9.40
N ALA A 1289 -12.02 29.09 8.32
CA ALA A 1289 -10.56 28.98 8.37
C ALA A 1289 -10.00 29.18 6.96
N PRO A 1290 -8.93 29.95 6.81
CA PRO A 1290 -8.42 30.22 5.45
C PRO A 1290 -7.68 29.05 4.84
N GLY A 1291 -6.83 28.37 5.62
CA GLY A 1291 -6.04 27.30 5.05
C GLY A 1291 -6.89 26.14 4.54
N LEU A 1292 -7.85 25.71 5.35
CA LEU A 1292 -8.73 24.62 4.92
C LEU A 1292 -9.56 25.02 3.71
N LYS A 1293 -10.06 26.26 3.69
CA LYS A 1293 -10.83 26.71 2.54
C LYS A 1293 -9.99 26.66 1.27
N LEU A 1294 -8.78 27.21 1.32
CA LEU A 1294 -7.93 27.20 0.13
C LEU A 1294 -7.56 25.78 -0.28
N VAL A 1295 -7.32 24.90 0.69
CA VAL A 1295 -6.93 23.54 0.38
C VAL A 1295 -8.09 22.77 -0.25
N VAL A 1296 -9.31 22.96 0.25
CA VAL A 1296 -10.46 22.32 -0.38
C VAL A 1296 -10.65 22.85 -1.79
N GLU A 1297 -10.45 24.15 -1.99
CA GLU A 1297 -10.52 24.68 -3.34
C GLU A 1297 -9.49 24.01 -4.24
N THR A 1298 -8.27 23.82 -3.75
CA THR A 1298 -7.24 23.17 -4.54
C THR A 1298 -7.60 21.72 -4.85
N LEU A 1299 -8.15 21.00 -3.87
CA LEU A 1299 -8.58 19.62 -4.13
C LEU A 1299 -9.62 19.56 -5.23
N ILE A 1300 -10.68 20.37 -5.13
CA ILE A 1300 -11.73 20.31 -6.13
C ILE A 1300 -11.21 20.79 -7.48
N SER A 1301 -10.29 21.74 -7.49
CA SER A 1301 -9.67 22.16 -8.74
C SER A 1301 -8.82 21.07 -9.37
N SER A 1302 -8.18 20.23 -8.55
CA SER A 1302 -7.33 19.17 -9.04
C SER A 1302 -8.09 17.89 -9.30
N LEU A 1303 -9.39 17.87 -9.05
CA LEU A 1303 -10.22 16.69 -9.25
C LEU A 1303 -10.85 16.64 -10.62
N LYS A 1304 -11.15 17.80 -11.22
CA LYS A 1304 -11.81 17.81 -12.51
C LYS A 1304 -10.99 17.17 -13.62
N PRO A 1305 -9.71 17.51 -13.83
CA PRO A 1305 -9.00 16.98 -15.01
C PRO A 1305 -8.91 15.47 -15.07
N ILE A 1306 -8.90 14.78 -13.94
CA ILE A 1306 -8.84 13.33 -13.95
C ILE A 1306 -10.26 12.78 -14.01
N GLY A 1307 -11.23 13.66 -14.27
CA GLY A 1307 -12.61 13.20 -14.34
C GLY A 1307 -12.83 12.19 -15.44
N ASN A 1308 -12.25 12.42 -16.60
CA ASN A 1308 -12.41 11.48 -17.71
C ASN A 1308 -11.80 10.13 -17.37
N ILE A 1309 -10.63 10.12 -16.73
CA ILE A 1309 -10.00 8.86 -16.35
C ILE A 1309 -10.81 8.14 -15.29
N VAL A 1310 -11.40 8.89 -14.36
CA VAL A 1310 -12.27 8.27 -13.36
C VAL A 1310 -13.48 7.64 -14.05
N LEU A 1311 -14.04 8.34 -15.03
CA LEU A 1311 -15.19 7.81 -15.75
C LEU A 1311 -14.83 6.56 -16.52
N ILE A 1312 -13.65 6.54 -17.14
CA ILE A 1312 -13.19 5.35 -17.84
C ILE A 1312 -13.02 4.20 -16.86
N CYS A 1313 -12.44 4.49 -15.69
CA CYS A 1313 -12.29 3.45 -14.68
C CYS A 1313 -13.64 2.91 -14.23
N CYS A 1314 -14.63 3.77 -14.08
CA CYS A 1314 -15.97 3.30 -13.71
C CYS A 1314 -16.60 2.50 -14.85
N ALA A 1315 -16.30 2.86 -16.08
CA ALA A 1315 -16.79 2.08 -17.22
C ALA A 1315 -16.20 0.68 -17.20
N PHE A 1316 -14.90 0.56 -16.97
CA PHE A 1316 -14.31 -0.77 -16.82
C PHE A 1316 -14.81 -1.49 -15.59
N PHE A 1317 -15.15 -0.76 -14.53
CA PHE A 1317 -15.79 -1.40 -13.39
C PHE A 1317 -17.11 -2.03 -13.78
N ILE A 1318 -17.93 -1.32 -14.56
CA ILE A 1318 -19.22 -1.88 -14.96
C ILE A 1318 -19.02 -3.05 -15.92
N ILE A 1319 -18.12 -2.90 -16.88
CA ILE A 1319 -17.88 -3.98 -17.85
C ILE A 1319 -17.40 -5.24 -17.14
N PHE A 1320 -16.39 -5.11 -16.30
CA PHE A 1320 -15.88 -6.26 -15.57
C PHE A 1320 -16.88 -6.77 -14.54
N GLY A 1321 -17.77 -5.91 -14.03
CA GLY A 1321 -18.81 -6.40 -13.14
C GLY A 1321 -19.79 -7.29 -13.88
N ILE A 1322 -20.20 -6.88 -15.07
CA ILE A 1322 -21.10 -7.73 -15.87
C ILE A 1322 -20.38 -9.02 -16.25
N LEU A 1323 -19.10 -8.93 -16.59
CA LEU A 1323 -18.33 -10.12 -16.91
C LEU A 1323 -18.24 -11.07 -15.72
N GLY A 1324 -18.00 -10.51 -14.54
CA GLY A 1324 -17.95 -11.33 -13.34
C GLY A 1324 -19.27 -11.96 -13.00
N VAL A 1325 -20.37 -11.23 -13.25
CA VAL A 1325 -21.69 -11.82 -13.08
C VAL A 1325 -21.85 -13.00 -14.02
N GLN A 1326 -21.48 -12.84 -15.29
CA GLN A 1326 -21.58 -13.94 -16.23
C GLN A 1326 -20.77 -15.13 -15.77
N LEU A 1327 -19.55 -14.88 -15.30
CA LEU A 1327 -18.63 -15.98 -14.98
C LEU A 1327 -19.04 -16.69 -13.70
N PHE A 1328 -19.48 -15.94 -12.69
CA PHE A 1328 -19.80 -16.50 -11.37
C PHE A 1328 -21.18 -16.02 -10.98
N LYS A 1329 -22.17 -16.93 -11.05
CA LYS A 1329 -23.54 -16.59 -10.70
C LYS A 1329 -23.91 -17.06 -9.31
N GLY A 1330 -23.82 -18.36 -9.05
CA GLY A 1330 -24.14 -18.88 -7.76
C GLY A 1330 -23.04 -19.80 -7.28
N LYS A 1331 -21.88 -19.66 -7.90
CA LYS A 1331 -20.75 -20.52 -7.61
C LYS A 1331 -20.03 -20.14 -6.32
N PHE A 1332 -20.38 -19.01 -5.71
CA PHE A 1332 -19.72 -18.57 -4.48
C PHE A 1332 -20.50 -19.03 -3.25
N TYR A 1333 -20.66 -20.34 -3.15
CA TYR A 1333 -21.22 -20.99 -1.98
C TYR A 1333 -20.28 -22.12 -1.59
N HIS A 1334 -20.08 -22.33 -0.30
CA HIS A 1334 -19.27 -23.46 0.13
C HIS A 1334 -19.81 -24.00 1.44
N CYS A 1335 -19.70 -25.32 1.61
CA CYS A 1335 -20.28 -26.03 2.74
C CYS A 1335 -19.25 -26.07 3.87
N LEU A 1336 -19.28 -25.04 4.71
CA LEU A 1336 -18.34 -24.92 5.81
C LEU A 1336 -18.76 -25.87 6.92
N GLY A 1337 -17.84 -26.73 7.33
CA GLY A 1337 -18.12 -27.67 8.40
C GLY A 1337 -16.85 -28.21 9.00
N VAL A 1338 -17.01 -29.23 9.84
CA VAL A 1338 -15.84 -29.86 10.47
C VAL A 1338 -15.04 -30.63 9.43
N ASP A 1339 -15.71 -31.31 8.51
CA ASP A 1339 -15.05 -32.09 7.47
C ASP A 1339 -14.88 -31.30 6.17
N THR A 1340 -15.98 -30.90 5.55
CA THR A 1340 -15.97 -30.27 4.23
C THR A 1340 -15.07 -31.07 3.29
N ARG A 1341 -15.43 -32.33 3.11
CA ARG A 1341 -14.62 -33.25 2.34
C ARG A 1341 -15.49 -34.44 1.95
N ASN A 1342 -15.14 -35.05 0.82
CA ASN A 1342 -15.85 -36.12 0.13
C ASN A 1342 -17.29 -35.75 -0.20
N ILE A 1343 -17.66 -34.47 -0.09
CA ILE A 1343 -18.99 -34.00 -0.47
C ILE A 1343 -18.86 -33.17 -1.74
N THR A 1344 -19.77 -33.36 -2.67
CA THR A 1344 -19.74 -32.67 -3.94
C THR A 1344 -20.76 -31.55 -4.02
N ASN A 1345 -22.03 -31.84 -3.77
CA ASN A 1345 -23.10 -30.86 -3.94
C ASN A 1345 -23.76 -30.55 -2.60
N ARG A 1346 -24.56 -29.47 -2.60
CA ARG A 1346 -25.16 -29.03 -1.35
C ARG A 1346 -26.14 -30.04 -0.80
N SER A 1347 -26.64 -30.96 -1.64
CA SER A 1347 -27.51 -32.01 -1.12
C SER A 1347 -26.79 -32.86 -0.09
N ASP A 1348 -25.56 -33.25 -0.39
CA ASP A 1348 -24.75 -33.97 0.60
C ASP A 1348 -24.41 -33.08 1.78
N CYS A 1349 -24.32 -31.77 1.55
CA CYS A 1349 -24.08 -30.84 2.65
C CYS A 1349 -25.24 -30.86 3.64
N MET A 1350 -26.48 -30.77 3.16
CA MET A 1350 -27.62 -30.86 4.06
C MET A 1350 -27.75 -32.25 4.65
N ALA A 1351 -27.31 -33.29 3.93
CA ALA A 1351 -27.30 -34.62 4.51
C ALA A 1351 -26.36 -34.68 5.71
N ALA A 1352 -25.16 -34.12 5.57
CA ALA A 1352 -24.22 -34.07 6.68
C ALA A 1352 -24.52 -32.92 7.63
N ASN A 1353 -25.42 -32.01 7.24
CA ASN A 1353 -25.94 -30.97 8.13
C ASN A 1353 -24.84 -30.02 8.59
N TYR A 1354 -23.93 -29.65 7.71
CA TYR A 1354 -22.83 -28.80 8.15
C TYR A 1354 -23.24 -27.34 8.20
N ARG A 1355 -23.34 -26.70 7.04
CA ARG A 1355 -23.93 -25.37 6.78
C ARG A 1355 -23.77 -25.09 5.29
N TRP A 1356 -24.62 -24.26 4.72
CA TRP A 1356 -24.44 -23.79 3.35
C TRP A 1356 -24.06 -22.30 3.42
N VAL A 1357 -22.77 -22.05 3.56
CA VAL A 1357 -22.28 -20.70 3.79
C VAL A 1357 -22.17 -19.97 2.46
N HIS A 1358 -22.49 -18.68 2.47
CA HIS A 1358 -22.45 -17.83 1.28
C HIS A 1358 -21.41 -16.75 1.50
N HIS A 1359 -20.40 -16.71 0.62
CA HIS A 1359 -19.32 -15.74 0.75
C HIS A 1359 -19.86 -14.32 0.67
N LYS A 1360 -19.31 -13.42 1.48
CA LYS A 1360 -19.79 -12.05 1.50
C LYS A 1360 -19.43 -11.28 0.24
N TYR A 1361 -18.32 -11.61 -0.41
CA TYR A 1361 -17.90 -10.93 -1.63
C TYR A 1361 -18.15 -11.87 -2.79
N ASN A 1362 -19.29 -11.70 -3.44
CA ASN A 1362 -19.74 -12.62 -4.48
C ASN A 1362 -20.14 -11.80 -5.68
N PHE A 1363 -20.56 -12.49 -6.73
CA PHE A 1363 -20.97 -11.83 -7.97
C PHE A 1363 -22.41 -12.16 -8.32
N ASP A 1364 -23.25 -12.35 -7.31
CA ASP A 1364 -24.65 -12.66 -7.55
C ASP A 1364 -25.33 -11.55 -8.32
N ASN A 1365 -25.44 -10.38 -7.70
CA ASN A 1365 -26.06 -9.22 -8.30
C ASN A 1365 -25.03 -8.50 -9.18
N LEU A 1366 -25.34 -7.28 -9.59
CA LEU A 1366 -24.28 -6.43 -10.11
C LEU A 1366 -23.73 -5.51 -9.04
N GLY A 1367 -24.53 -5.19 -8.02
CA GLY A 1367 -24.01 -4.44 -6.89
C GLY A 1367 -22.97 -5.22 -6.12
N GLN A 1368 -23.23 -6.51 -5.89
CA GLN A 1368 -22.22 -7.35 -5.26
C GLN A 1368 -20.98 -7.46 -6.12
N ALA A 1369 -21.14 -7.57 -7.44
CA ALA A 1369 -19.98 -7.60 -8.32
C ALA A 1369 -19.18 -6.33 -8.20
N LEU A 1370 -19.86 -5.19 -8.10
CA LEU A 1370 -19.15 -3.92 -7.99
C LEU A 1370 -18.41 -3.83 -6.65
N MET A 1371 -19.03 -4.29 -5.57
CA MET A 1371 -18.36 -4.27 -4.27
C MET A 1371 -17.15 -5.19 -4.27
N SER A 1372 -17.29 -6.39 -4.83
CA SER A 1372 -16.16 -7.31 -4.90
C SER A 1372 -15.06 -6.78 -5.79
N LEU A 1373 -15.41 -6.14 -6.90
CA LEU A 1373 -14.40 -5.57 -7.77
C LEU A 1373 -13.68 -4.41 -7.11
N PHE A 1374 -14.39 -3.62 -6.30
CA PHE A 1374 -13.69 -2.60 -5.54
C PHE A 1374 -12.74 -3.22 -4.53
N VAL A 1375 -13.16 -4.28 -3.85
CA VAL A 1375 -12.26 -4.95 -2.91
C VAL A 1375 -11.02 -5.45 -3.63
N LEU A 1376 -11.20 -6.04 -4.81
CA LEU A 1376 -10.06 -6.46 -5.63
C LEU A 1376 -9.16 -5.28 -5.98
N ALA A 1377 -9.77 -4.17 -6.41
CA ALA A 1377 -9.00 -3.03 -6.86
C ALA A 1377 -8.19 -2.41 -5.74
N SER A 1378 -8.67 -2.56 -4.51
CA SER A 1378 -7.98 -1.97 -3.33
C SER A 1378 -6.75 -2.82 -2.94
N LYS A 1379 -6.51 -3.90 -3.68
CA LYS A 1379 -5.38 -4.83 -3.40
C LYS A 1379 -5.39 -5.22 -1.92
N ASP A 1380 -6.55 -5.59 -1.39
CA ASP A 1380 -6.67 -6.04 0.03
C ASP A 1380 -7.79 -7.08 0.07
N GLY A 1381 -7.52 -8.27 0.59
CA GLY A 1381 -8.52 -9.31 0.55
C GLY A 1381 -8.82 -9.83 -0.83
N TRP A 1382 -8.05 -9.41 -1.83
CA TRP A 1382 -8.30 -9.86 -3.19
C TRP A 1382 -7.84 -11.27 -3.44
N VAL A 1383 -6.95 -11.80 -2.60
CA VAL A 1383 -6.49 -13.17 -2.78
C VAL A 1383 -7.62 -14.14 -2.45
N ASN A 1384 -8.39 -13.87 -1.40
CA ASN A 1384 -9.52 -14.74 -1.10
C ASN A 1384 -10.55 -14.74 -2.24
N ILE A 1385 -10.82 -13.56 -2.80
CA ILE A 1385 -11.76 -13.48 -3.91
C ILE A 1385 -11.23 -14.26 -5.10
N MET A 1386 -9.93 -14.13 -5.39
CA MET A 1386 -9.37 -14.90 -6.49
C MET A 1386 -9.47 -16.39 -6.23
N TYR A 1387 -9.25 -16.82 -4.98
CA TYR A 1387 -9.35 -18.23 -4.66
C TYR A 1387 -10.77 -18.74 -4.88
N ASN A 1388 -11.76 -17.95 -4.45
CA ASN A 1388 -13.15 -18.35 -4.69
C ASN A 1388 -13.44 -18.40 -6.18
N GLY A 1389 -12.85 -17.49 -6.95
CA GLY A 1389 -13.06 -17.52 -8.39
C GLY A 1389 -12.49 -18.77 -9.03
N LEU A 1390 -11.25 -19.12 -8.67
CA LEU A 1390 -10.63 -20.32 -9.24
C LEU A 1390 -11.34 -21.58 -8.78
N ASP A 1391 -11.94 -21.54 -7.59
CA ASP A 1391 -12.55 -22.75 -7.06
C ASP A 1391 -13.94 -22.99 -7.65
N ALA A 1392 -14.51 -21.98 -8.31
CA ALA A 1392 -15.89 -22.08 -8.76
C ALA A 1392 -16.09 -23.22 -9.75
N VAL A 1393 -17.19 -23.95 -9.59
CA VAL A 1393 -17.52 -25.05 -10.49
C VAL A 1393 -18.87 -24.81 -11.15
N ALA A 1394 -19.93 -24.78 -10.36
CA ALA A 1394 -21.27 -24.53 -10.87
C ALA A 1394 -22.14 -24.03 -9.72
N VAL A 1395 -23.46 -24.01 -9.96
CA VAL A 1395 -24.35 -23.27 -9.07
C VAL A 1395 -24.43 -23.92 -7.69
N ASP A 1396 -24.67 -25.23 -7.62
CA ASP A 1396 -24.99 -25.87 -6.35
C ASP A 1396 -24.15 -27.11 -6.13
N GLN A 1397 -22.84 -27.01 -6.30
CA GLN A 1397 -21.94 -28.02 -5.77
C GLN A 1397 -20.64 -27.40 -5.31
N GLN A 1398 -19.94 -28.15 -4.45
CA GLN A 1398 -18.80 -27.62 -3.72
C GLN A 1398 -17.73 -27.12 -4.67
N PRO A 1399 -17.17 -25.93 -4.44
CA PRO A 1399 -15.98 -25.55 -5.19
C PRO A 1399 -14.81 -26.47 -4.86
N VAL A 1400 -13.92 -26.64 -5.82
CA VAL A 1400 -12.75 -27.49 -5.63
C VAL A 1400 -11.50 -26.67 -5.90
N THR A 1401 -10.41 -27.05 -5.23
CA THR A 1401 -9.19 -26.25 -5.27
C THR A 1401 -8.64 -26.16 -6.68
N ASN A 1402 -8.43 -24.93 -7.13
CA ASN A 1402 -7.90 -24.65 -8.47
C ASN A 1402 -8.66 -25.42 -9.55
N HIS A 1403 -9.98 -25.29 -9.54
CA HIS A 1403 -10.79 -25.94 -10.55
C HIS A 1403 -10.48 -25.40 -11.93
N ASN A 1404 -10.47 -24.09 -12.08
CA ASN A 1404 -10.37 -23.44 -13.38
C ASN A 1404 -9.25 -22.40 -13.34
N PRO A 1405 -8.00 -22.83 -13.52
CA PRO A 1405 -6.89 -21.88 -13.44
C PRO A 1405 -6.90 -20.83 -14.53
N TRP A 1406 -7.95 -20.77 -15.35
CA TRP A 1406 -8.01 -19.77 -16.41
C TRP A 1406 -8.54 -18.44 -15.92
N MET A 1407 -9.20 -18.41 -14.77
CA MET A 1407 -9.71 -17.16 -14.20
C MET A 1407 -8.63 -16.27 -13.62
N LEU A 1408 -7.39 -16.77 -13.50
CA LEU A 1408 -6.30 -15.89 -13.17
C LEU A 1408 -6.22 -14.74 -14.15
N LEU A 1409 -6.55 -15.01 -15.42
CA LEU A 1409 -6.55 -13.95 -16.42
C LEU A 1409 -7.52 -12.84 -16.05
N TYR A 1410 -8.76 -13.20 -15.71
CA TYR A 1410 -9.74 -12.19 -15.31
C TYR A 1410 -9.27 -11.44 -14.08
N PHE A 1411 -8.91 -12.17 -13.02
CA PHE A 1411 -8.64 -11.53 -11.74
C PHE A 1411 -7.33 -10.76 -11.71
N ILE A 1412 -6.42 -11.04 -12.64
CA ILE A 1412 -5.11 -10.40 -12.62
C ILE A 1412 -5.12 -9.28 -13.64
N SER A 1413 -5.80 -9.49 -14.77
CA SER A 1413 -5.97 -8.42 -15.74
C SER A 1413 -6.76 -7.27 -15.13
N PHE A 1414 -7.76 -7.58 -14.30
CA PHE A 1414 -8.48 -6.51 -13.62
C PHE A 1414 -7.56 -5.70 -12.74
N LEU A 1415 -6.73 -6.38 -11.94
CA LEU A 1415 -5.82 -5.66 -11.05
C LEU A 1415 -4.85 -4.81 -11.85
N LEU A 1416 -4.31 -5.35 -12.93
CA LEU A 1416 -3.34 -4.60 -13.72
C LEU A 1416 -3.99 -3.38 -14.35
N ILE A 1417 -5.20 -3.54 -14.90
CA ILE A 1417 -5.85 -2.41 -15.56
C ILE A 1417 -6.24 -1.35 -14.55
N VAL A 1418 -6.78 -1.74 -13.40
CA VAL A 1418 -7.16 -0.75 -12.41
C VAL A 1418 -5.93 -0.04 -11.87
N SER A 1419 -4.83 -0.77 -11.65
CA SER A 1419 -3.60 -0.11 -11.23
C SER A 1419 -3.10 0.86 -12.28
N PHE A 1420 -3.23 0.50 -13.55
CA PHE A 1420 -2.84 1.42 -14.61
C PHE A 1420 -3.69 2.68 -14.56
N PHE A 1421 -5.00 2.54 -14.36
CA PHE A 1421 -5.86 3.72 -14.32
C PHE A 1421 -5.57 4.56 -13.10
N VAL A 1422 -5.23 3.93 -11.97
CA VAL A 1422 -4.90 4.69 -10.77
C VAL A 1422 -3.60 5.46 -10.97
N LEU A 1423 -2.61 4.85 -11.60
CA LEU A 1423 -1.40 5.60 -11.92
C LEU A 1423 -1.69 6.73 -12.88
N ASN A 1424 -2.59 6.52 -13.84
CA ASN A 1424 -2.95 7.61 -14.73
C ASN A 1424 -3.62 8.75 -13.98
N MET A 1425 -4.47 8.43 -13.01
CA MET A 1425 -5.06 9.48 -12.18
C MET A 1425 -3.98 10.23 -11.41
N PHE A 1426 -3.04 9.50 -10.83
CA PHE A 1426 -1.95 10.14 -10.09
C PHE A 1426 -1.17 11.09 -10.98
N VAL A 1427 -0.77 10.62 -12.16
CA VAL A 1427 0.03 11.44 -13.06
C VAL A 1427 -0.78 12.62 -13.57
N GLY A 1428 -2.08 12.43 -13.82
CA GLY A 1428 -2.92 13.54 -14.20
C GLY A 1428 -2.98 14.60 -13.13
N VAL A 1429 -3.10 14.19 -11.87
CA VAL A 1429 -3.08 15.15 -10.76
C VAL A 1429 -1.75 15.88 -10.73
N VAL A 1430 -0.65 15.15 -10.92
CA VAL A 1430 0.67 15.78 -10.83
C VAL A 1430 0.83 16.83 -11.93
N VAL A 1431 0.50 16.48 -13.17
CA VAL A 1431 0.69 17.45 -14.25
C VAL A 1431 -0.29 18.61 -14.11
N GLU A 1432 -1.52 18.33 -13.64
CA GLU A 1432 -2.48 19.39 -13.39
C GLU A 1432 -1.93 20.40 -12.41
N ASN A 1433 -1.37 19.92 -11.30
CA ASN A 1433 -0.75 20.83 -10.34
C ASN A 1433 0.49 21.48 -10.95
N PHE A 1434 1.16 20.80 -11.87
CA PHE A 1434 2.36 21.34 -12.49
C PHE A 1434 2.04 22.59 -13.28
N HIS A 1435 0.91 22.58 -13.98
CA HIS A 1435 0.50 23.78 -14.71
C HIS A 1435 0.23 24.95 -13.77
N LYS A 1436 -0.45 24.69 -12.65
CA LYS A 1436 -0.75 25.77 -11.72
C LYS A 1436 0.52 26.33 -11.09
N CYS A 1437 1.41 25.45 -10.65
CA CYS A 1437 2.64 25.91 -10.01
C CYS A 1437 3.55 26.63 -10.99
N ARG A 1438 3.67 26.12 -12.21
CA ARG A 1438 4.59 26.71 -13.18
C ARG A 1438 4.19 28.12 -13.54
N GLN A 1439 2.87 28.37 -13.66
CA GLN A 1439 2.40 29.71 -13.98
C GLN A 1439 2.85 30.71 -12.94
N HIS A 1440 2.58 30.42 -11.66
CA HIS A 1440 2.91 31.38 -10.60
C HIS A 1440 4.40 31.38 -10.30
N GLN A 1441 5.09 30.29 -10.64
CA GLN A 1441 6.52 30.15 -10.34
C GLN A 1441 7.35 31.20 -11.08
N GLU A 1442 7.11 31.37 -12.37
CA GLU A 1442 7.98 32.16 -13.22
C GLU A 1442 8.03 33.62 -12.78
N ALA A 1443 6.90 34.14 -12.29
CA ALA A 1443 6.85 35.55 -11.89
C ALA A 1443 7.66 35.79 -10.61
N GLU A 1444 7.29 35.12 -9.52
CA GLU A 1444 7.89 35.44 -8.22
C GLU A 1444 9.30 34.88 -8.08
N GLU A 1445 9.63 33.75 -8.72
CA GLU A 1445 11.00 33.30 -8.77
C GLU A 1445 11.91 34.29 -9.49
N ALA A 1446 11.47 34.83 -10.63
CA ALA A 1446 12.17 35.94 -11.25
C ALA A 1446 12.24 37.12 -10.29
N ARG A 1447 11.15 37.35 -9.55
CA ARG A 1447 11.19 38.34 -8.48
C ARG A 1447 12.10 37.90 -7.34
N ARG A 1448 12.13 36.59 -7.03
CA ARG A 1448 13.09 36.10 -6.06
C ARG A 1448 14.53 36.22 -6.58
N ARG A 1449 14.76 35.95 -7.86
CA ARG A 1449 16.09 36.06 -8.43
C ARG A 1449 16.64 37.48 -8.38
N GLU A 1450 15.77 38.50 -8.42
CA GLU A 1450 16.24 39.87 -8.20
C GLU A 1450 16.78 40.03 -6.78
N GLU A 1451 16.10 39.44 -5.80
CA GLU A 1451 16.59 39.46 -4.43
C GLU A 1451 17.59 38.35 -4.14
N LYS A 1452 17.58 37.27 -4.92
CA LYS A 1452 18.56 36.20 -4.73
C LYS A 1452 19.98 36.68 -4.95
N ARG A 1453 20.21 37.48 -6.00
CA ARG A 1453 21.53 38.05 -6.22
C ARG A 1453 21.90 39.08 -5.17
N LEU A 1454 20.89 39.66 -4.50
CA LEU A 1454 21.18 40.57 -3.41
C LEU A 1454 21.81 39.84 -2.23
N ARG A 1455 21.35 38.62 -1.95
CA ARG A 1455 22.00 37.81 -0.92
C ARG A 1455 23.42 37.44 -1.33
N ARG A 1456 23.68 37.30 -2.62
CA ARG A 1456 25.05 37.12 -3.08
C ARG A 1456 25.89 38.36 -2.79
N LEU A 1457 25.31 39.54 -2.95
CA LEU A 1457 25.98 40.77 -2.55
C LEU A 1457 26.16 40.84 -1.03
N GLU A 1458 25.23 40.22 -0.30
CA GLU A 1458 25.36 40.17 1.16
C GLU A 1458 26.59 39.35 1.57
N LYS A 1459 26.86 38.25 0.85
CA LYS A 1459 28.04 37.46 1.15
C LYS A 1459 29.32 38.23 0.88
N LYS A 1460 29.27 39.21 -0.02
CA LYS A 1460 30.42 40.07 -0.27
C LYS A 1460 30.74 40.91 0.95
N ARG A 1461 29.73 41.20 1.77
CA ARG A 1461 29.94 41.91 3.02
C ARG A 1461 30.59 41.00 4.05
N ARG A 1462 30.38 39.69 3.90
CA ARG A 1462 30.75 38.69 4.89
C ARG A 1462 32.23 38.35 4.88
N LYS A 1463 33.01 38.96 3.97
CA LYS A 1463 34.40 38.56 3.67
C LYS A 1463 35.17 38.35 4.97
N ALA A 1464 35.36 39.37 5.81
CA ALA A 1464 36.11 39.22 7.05
C ALA A 1464 35.73 40.33 8.01
N GLN A 1465 34.96 40.00 9.04
CA GLN A 1465 34.68 40.92 10.15
C GLN A 1465 35.63 40.68 11.32
N ARG A 1466 36.94 40.65 11.02
CA ARG A 1466 38.02 40.45 12.00
C ARG A 1466 37.65 39.40 13.04
N LEU A 1467 37.47 38.17 12.56
CA LEU A 1467 37.06 37.07 13.43
C LEU A 1467 38.06 36.90 14.57
N PRO A 1468 37.60 36.60 15.78
CA PRO A 1468 38.53 36.51 16.92
C PRO A 1468 39.29 35.20 16.97
N TYR A 1469 39.83 34.77 15.83
CA TYR A 1469 40.65 33.58 15.79
C TYR A 1469 42.02 33.79 16.44
N TYR A 1470 42.46 35.04 16.57
CA TYR A 1470 43.70 35.32 17.30
C TYR A 1470 43.48 35.26 18.80
N ALA A 1471 42.26 35.55 19.26
CA ALA A 1471 41.99 35.68 20.70
C ALA A 1471 42.34 34.41 21.45
N THR A 1472 42.16 33.26 20.82
CA THR A 1472 42.62 32.00 21.38
C THR A 1472 44.01 31.60 20.89
N TYR A 1473 44.57 32.33 19.94
CA TYR A 1473 45.91 32.05 19.46
C TYR A 1473 46.94 32.50 20.48
N CYS A 1474 47.95 31.64 20.72
CA CYS A 1474 48.97 31.84 21.74
C CYS A 1474 48.38 31.84 23.14
N HIS A 1475 47.06 31.65 23.23
CA HIS A 1475 46.36 31.50 24.50
C HIS A 1475 46.11 30.03 24.83
N THR A 1476 47.06 29.18 24.45
CA THR A 1476 47.03 27.74 24.69
C THR A 1476 46.00 27.06 23.78
N ARG A 1477 45.32 27.83 22.94
CA ARG A 1477 44.48 27.25 21.91
C ARG A 1477 45.08 27.43 20.52
N LEU A 1478 46.40 27.53 20.41
CA LEU A 1478 47.04 27.69 19.12
C LEU A 1478 46.85 26.49 18.23
N LEU A 1479 46.73 25.29 18.79
CA LEU A 1479 46.55 24.07 18.01
C LEU A 1479 45.10 23.62 17.96
N ILE A 1480 44.21 24.28 18.68
CA ILE A 1480 42.84 23.79 18.79
C ILE A 1480 41.94 24.47 17.75
N HIS A 1481 42.03 25.79 17.64
CA HIS A 1481 41.08 26.53 16.81
C HIS A 1481 41.21 26.15 15.33
N SER A 1482 42.43 25.91 14.87
CA SER A 1482 42.65 25.61 13.46
C SER A 1482 43.02 24.16 13.21
N MET A 1483 44.05 23.65 13.87
CA MET A 1483 44.47 22.27 13.63
C MET A 1483 43.49 21.25 14.18
N CYS A 1484 42.64 21.63 15.13
CA CYS A 1484 41.71 20.70 15.75
C CYS A 1484 40.25 21.02 15.49
N THR A 1485 39.95 21.78 14.44
CA THR A 1485 38.57 22.07 14.06
C THR A 1485 38.27 21.73 12.61
N SER A 1486 39.27 21.32 11.84
CA SER A 1486 39.07 20.98 10.45
C SER A 1486 38.43 19.59 10.33
N HIS A 1487 38.37 19.08 9.10
CA HIS A 1487 37.76 17.78 8.87
C HIS A 1487 38.56 16.64 9.49
N TYR A 1488 39.79 16.92 9.95
CA TYR A 1488 40.63 15.86 10.49
C TYR A 1488 40.05 15.24 11.75
N LEU A 1489 39.29 16.00 12.54
CA LEU A 1489 38.73 15.49 13.79
C LEU A 1489 37.33 14.91 13.63
N ASP A 1490 36.55 15.39 12.67
CA ASP A 1490 35.19 14.90 12.49
C ASP A 1490 35.15 13.48 11.93
N ILE A 1491 36.18 13.05 11.19
CA ILE A 1491 36.19 11.66 10.72
C ILE A 1491 36.32 10.71 11.91
N PHE A 1492 37.16 11.05 12.89
CA PHE A 1492 37.22 10.23 14.10
C PHE A 1492 35.88 10.20 14.80
N ILE A 1493 35.20 11.35 14.87
CA ILE A 1493 33.95 11.42 15.62
C ILE A 1493 32.88 10.57 14.93
N THR A 1494 32.76 10.69 13.61
CA THR A 1494 31.77 9.88 12.90
C THR A 1494 32.14 8.41 12.95
N PHE A 1495 33.44 8.08 12.99
CA PHE A 1495 33.84 6.70 13.19
C PHE A 1495 33.38 6.17 14.54
N ILE A 1496 33.53 6.98 15.59
CA ILE A 1496 33.09 6.54 16.90
C ILE A 1496 31.57 6.42 16.94
N ILE A 1497 30.87 7.29 16.22
CA ILE A 1497 29.42 7.16 16.13
C ILE A 1497 29.05 5.85 15.44
N CYS A 1498 29.78 5.49 14.39
CA CYS A 1498 29.50 4.22 13.72
C CYS A 1498 29.80 3.04 14.64
N LEU A 1499 30.87 3.12 15.43
CA LEU A 1499 31.14 2.08 16.40
C LEU A 1499 30.02 1.99 17.43
N ASN A 1500 29.50 3.15 17.85
CA ASN A 1500 28.33 3.19 18.73
C ASN A 1500 27.15 2.46 18.09
N VAL A 1501 26.90 2.72 16.81
CA VAL A 1501 25.79 2.09 16.12
C VAL A 1501 25.96 0.58 16.11
N VAL A 1502 27.16 0.12 15.71
CA VAL A 1502 27.36 -1.32 15.60
C VAL A 1502 27.42 -1.98 16.97
N THR A 1503 27.63 -1.22 18.04
CA THR A 1503 27.57 -1.80 19.37
C THR A 1503 26.13 -1.90 19.87
N MET A 1504 25.34 -0.84 19.67
CA MET A 1504 23.92 -0.93 20.02
C MET A 1504 23.21 -1.95 19.17
N SER A 1505 23.76 -2.30 18.02
CA SER A 1505 23.14 -3.35 17.24
C SER A 1505 23.49 -4.75 17.73
N LEU A 1506 24.05 -4.93 18.92
CA LEU A 1506 24.42 -6.25 19.40
C LEU A 1506 23.53 -6.79 20.51
N GLU A 1507 22.85 -5.93 21.25
CA GLU A 1507 21.97 -6.41 22.31
C GLU A 1507 20.89 -7.31 21.75
N HIS A 1508 20.59 -8.37 22.49
CA HIS A 1508 19.53 -9.29 22.13
C HIS A 1508 19.06 -9.98 23.40
N TYR A 1509 18.07 -10.85 23.26
CA TYR A 1509 17.56 -11.60 24.40
C TYR A 1509 18.59 -12.63 24.82
N ASN A 1510 18.83 -12.72 26.12
CA ASN A 1510 19.84 -13.62 26.69
C ASN A 1510 21.21 -13.37 26.07
N GLN A 1511 21.59 -12.11 25.95
CA GLN A 1511 22.95 -11.82 25.55
C GLN A 1511 23.90 -12.25 26.66
N PRO A 1512 25.05 -12.84 26.30
CA PRO A 1512 25.98 -13.30 27.32
C PRO A 1512 26.49 -12.14 28.17
N THR A 1513 26.77 -12.43 29.44
CA THR A 1513 27.21 -11.40 30.37
C THR A 1513 28.51 -10.73 29.93
N SER A 1514 29.42 -11.51 29.32
CA SER A 1514 30.66 -10.94 28.83
C SER A 1514 30.40 -9.88 27.78
N LEU A 1515 29.46 -10.15 26.87
CA LEU A 1515 29.09 -9.16 25.87
C LEU A 1515 28.50 -7.91 26.52
N GLU A 1516 27.69 -8.08 27.56
CA GLU A 1516 27.12 -6.94 28.25
C GLU A 1516 28.19 -6.09 28.89
N THR A 1517 29.18 -6.72 29.53
CA THR A 1517 30.29 -5.96 30.11
C THR A 1517 31.10 -5.25 29.05
N ALA A 1518 31.36 -5.91 27.92
CA ALA A 1518 32.09 -5.26 26.84
C ALA A 1518 31.33 -4.05 26.33
N LEU A 1519 30.01 -4.18 26.19
CA LEU A 1519 29.21 -3.05 25.77
C LEU A 1519 29.24 -1.92 26.79
N LYS A 1520 29.26 -2.26 28.08
CA LYS A 1520 29.38 -1.22 29.10
C LYS A 1520 30.70 -0.47 28.97
N TYR A 1521 31.79 -1.21 28.71
CA TYR A 1521 33.07 -0.55 28.50
C TYR A 1521 33.04 0.35 27.26
N CYS A 1522 32.41 -0.14 26.18
CA CYS A 1522 32.31 0.68 24.97
C CYS A 1522 31.51 1.94 25.22
N ASN A 1523 30.42 1.82 25.98
CA ASN A 1523 29.61 2.99 26.31
C ASN A 1523 30.42 3.99 27.12
N TYR A 1524 31.22 3.49 28.08
CA TYR A 1524 32.10 4.37 28.84
C TYR A 1524 33.06 5.11 27.91
N MET A 1525 33.66 4.39 26.97
CA MET A 1525 34.59 5.01 26.03
C MET A 1525 33.90 6.10 25.20
N PHE A 1526 32.68 5.82 24.74
CA PHE A 1526 31.94 6.78 23.94
C PHE A 1526 31.62 8.03 24.75
N THR A 1527 31.24 7.85 26.01
CA THR A 1527 31.03 9.00 26.87
C THR A 1527 32.29 9.82 27.02
N THR A 1528 33.43 9.15 27.21
CA THR A 1528 34.69 9.88 27.36
C THR A 1528 34.99 10.69 26.11
N VAL A 1529 34.82 10.10 24.93
CA VAL A 1529 35.17 10.82 23.72
C VAL A 1529 34.21 11.97 23.46
N PHE A 1530 32.92 11.80 23.75
CA PHE A 1530 31.98 12.90 23.57
C PHE A 1530 32.29 14.05 24.51
N VAL A 1531 32.57 13.75 25.77
CA VAL A 1531 32.92 14.81 26.73
C VAL A 1531 34.19 15.52 26.29
N LEU A 1532 35.19 14.76 25.84
CA LEU A 1532 36.45 15.36 25.43
C LEU A 1532 36.23 16.28 24.23
N GLU A 1533 35.46 15.83 23.24
CA GLU A 1533 35.17 16.68 22.09
C GLU A 1533 34.45 17.96 22.51
N ALA A 1534 33.43 17.84 23.37
CA ALA A 1534 32.68 19.02 23.78
C ALA A 1534 33.57 20.03 24.51
N VAL A 1535 34.42 19.54 25.42
CA VAL A 1535 35.29 20.44 26.17
C VAL A 1535 36.29 21.10 25.23
N LEU A 1536 36.85 20.34 24.29
CA LEU A 1536 37.80 20.93 23.35
C LEU A 1536 37.14 22.00 22.49
N LYS A 1537 35.90 21.77 22.06
CA LYS A 1537 35.22 22.82 21.32
C LYS A 1537 34.99 24.06 22.18
N LEU A 1538 34.50 23.87 23.40
CA LEU A 1538 34.23 25.01 24.28
C LEU A 1538 35.49 25.81 24.55
N VAL A 1539 36.63 25.13 24.64
CA VAL A 1539 37.89 25.83 24.82
C VAL A 1539 38.41 26.40 23.50
N ALA A 1540 38.02 25.81 22.37
CA ALA A 1540 38.46 26.32 21.07
C ALA A 1540 37.83 27.65 20.74
N PHE A 1541 36.53 27.79 20.93
CA PHE A 1541 35.90 29.05 20.56
C PHE A 1541 35.07 29.53 21.74
N GLY A 1542 34.79 30.83 21.77
CA GLY A 1542 34.05 31.42 22.85
C GLY A 1542 32.62 30.91 22.90
N LEU A 1543 31.94 31.28 23.99
CA LEU A 1543 30.59 30.80 24.24
C LEU A 1543 29.58 31.31 23.24
N ARG A 1544 29.97 32.20 22.32
CA ARG A 1544 29.05 32.71 21.32
C ARG A 1544 28.53 31.61 20.41
N ARG A 1545 29.42 31.00 19.63
CA ARG A 1545 28.97 29.99 18.67
C ARG A 1545 28.55 28.70 19.34
N PHE A 1546 28.84 28.53 20.62
CA PHE A 1546 28.31 27.38 21.35
C PHE A 1546 26.78 27.36 21.30
N PHE A 1547 26.16 28.54 21.17
CA PHE A 1547 24.72 28.62 20.98
C PHE A 1547 24.34 29.02 19.55
N LYS A 1548 25.17 29.84 18.90
CA LYS A 1548 24.87 30.32 17.56
C LYS A 1548 24.75 29.17 16.56
N ASP A 1549 25.50 28.09 16.78
CA ASP A 1549 25.56 27.03 15.78
C ASP A 1549 24.25 26.24 15.71
N ARG A 1550 23.48 26.25 16.80
CA ARG A 1550 22.19 25.55 16.88
C ARG A 1550 22.42 24.04 16.81
N TRP A 1551 23.68 23.63 16.73
CA TRP A 1551 24.06 22.23 16.62
C TRP A 1551 24.88 21.75 17.81
N ASN A 1552 25.85 22.55 18.25
CA ASN A 1552 26.58 22.24 19.46
C ASN A 1552 25.65 22.19 20.67
N GLN A 1553 24.49 22.85 20.58
CA GLN A 1553 23.47 22.68 21.61
C GLN A 1553 23.03 21.23 21.69
N LEU A 1554 22.74 20.62 20.54
CA LEU A 1554 22.34 19.21 20.54
C LEU A 1554 23.49 18.33 20.98
N ASP A 1555 24.72 18.67 20.59
CA ASP A 1555 25.87 17.90 21.05
C ASP A 1555 25.99 17.93 22.57
N LEU A 1556 25.85 19.11 23.17
CA LEU A 1556 25.89 19.23 24.61
C LEU A 1556 24.76 18.46 25.26
N ALA A 1557 23.57 18.50 24.67
CA ALA A 1557 22.45 17.74 25.24
C ALA A 1557 22.77 16.25 25.25
N ILE A 1558 23.29 15.73 24.15
CA ILE A 1558 23.62 14.30 24.09
C ILE A 1558 24.67 13.95 25.13
N VAL A 1559 25.72 14.76 25.24
CA VAL A 1559 26.77 14.48 26.23
C VAL A 1559 26.20 14.51 27.64
N LEU A 1560 25.32 15.47 27.91
CA LEU A 1560 24.75 15.59 29.25
C LEU A 1560 23.89 14.38 29.60
N LEU A 1561 23.03 13.95 28.68
CA LEU A 1561 22.24 12.75 28.96
C LEU A 1561 23.15 11.53 29.15
N SER A 1562 24.20 11.41 28.34
CA SER A 1562 25.06 10.24 28.43
C SER A 1562 25.78 10.20 29.78
N VAL A 1563 26.32 11.34 30.22
CA VAL A 1563 27.02 11.36 31.50
C VAL A 1563 26.03 11.17 32.64
N MET A 1564 24.81 11.66 32.51
CA MET A 1564 23.81 11.38 33.52
C MET A 1564 23.53 9.88 33.60
N GLY A 1565 23.45 9.22 32.45
CA GLY A 1565 23.17 7.80 32.44
C GLY A 1565 24.28 6.96 33.06
N ILE A 1566 25.53 7.25 32.70
CA ILE A 1566 26.62 6.39 33.16
C ILE A 1566 26.77 6.45 34.67
N THR A 1567 26.51 7.62 35.29
CA THR A 1567 26.56 7.69 36.74
C THR A 1567 25.45 6.87 37.38
N LEU A 1568 24.26 6.88 36.78
CA LEU A 1568 23.15 6.12 37.35
C LEU A 1568 23.40 4.62 37.27
N GLU A 1569 24.02 4.14 36.19
CA GLU A 1569 24.41 2.74 36.15
C GLU A 1569 25.51 2.47 37.17
N GLU A 1570 26.37 3.46 37.42
CA GLU A 1570 27.31 3.39 38.52
C GLU A 1570 26.61 3.34 39.87
N ILE A 1571 25.49 4.05 40.02
CA ILE A 1571 24.70 3.92 41.24
C ILE A 1571 24.23 2.48 41.41
N GLU A 1572 23.99 1.77 40.31
CA GLU A 1572 23.62 0.36 40.37
C GLU A 1572 24.76 -0.54 40.82
N ILE A 1573 25.98 -0.02 40.93
CA ILE A 1573 27.10 -0.82 41.42
C ILE A 1573 27.11 -0.89 42.94
N ASN A 1574 27.03 0.26 43.60
CA ASN A 1574 27.00 0.30 45.06
C ASN A 1574 25.59 0.26 45.62
N ALA A 1575 24.56 0.34 44.76
CA ALA A 1575 23.17 0.42 45.20
C ALA A 1575 22.97 1.56 46.20
N ALA A 1576 23.51 2.73 45.87
CA ALA A 1576 23.49 3.86 46.78
C ALA A 1576 22.05 4.26 47.13
N LEU A 1577 21.16 4.24 46.14
CA LEU A 1577 19.76 4.54 46.33
C LEU A 1577 19.01 3.66 45.34
N PRO A 1578 17.89 3.06 45.73
CA PRO A 1578 17.20 2.16 44.79
C PRO A 1578 16.51 2.94 43.68
N ILE A 1579 17.09 2.89 42.50
CA ILE A 1579 16.55 3.56 41.32
C ILE A 1579 15.68 2.57 40.56
N ASN A 1580 14.43 2.96 40.33
CA ASN A 1580 13.49 2.08 39.64
C ASN A 1580 13.98 1.80 38.23
N PRO A 1581 13.72 0.61 37.69
CA PRO A 1581 14.24 0.28 36.35
C PRO A 1581 13.70 1.17 35.24
N THR A 1582 12.58 1.85 35.46
CA THR A 1582 11.98 2.65 34.39
C THR A 1582 12.95 3.70 33.88
N ILE A 1583 13.55 4.48 34.78
CA ILE A 1583 14.43 5.57 34.36
C ILE A 1583 15.69 5.02 33.70
N ILE A 1584 16.24 3.93 34.23
CA ILE A 1584 17.42 3.33 33.60
C ILE A 1584 17.10 2.90 32.19
N ARG A 1585 15.97 2.22 32.01
CA ARG A 1585 15.56 1.79 30.67
C ARG A 1585 15.33 2.98 29.76
N ILE A 1586 14.73 4.04 30.29
CA ILE A 1586 14.47 5.23 29.48
C ILE A 1586 15.77 5.86 29.00
N MET A 1587 16.76 5.94 29.87
CA MET A 1587 18.00 6.59 29.44
C MET A 1587 18.80 5.69 28.51
N ARG A 1588 18.73 4.37 28.73
CA ARG A 1588 19.28 3.45 27.74
C ARG A 1588 18.63 3.65 26.37
N VAL A 1589 17.30 3.80 26.33
CA VAL A 1589 16.66 3.89 25.03
C VAL A 1589 16.86 5.28 24.44
N LEU A 1590 17.11 6.28 25.27
CA LEU A 1590 17.47 7.61 24.80
C LEU A 1590 18.92 7.70 24.37
N ARG A 1591 19.73 6.69 24.68
CA ARG A 1591 21.08 6.63 24.15
C ARG A 1591 21.07 6.56 22.62
N ILE A 1592 19.95 6.20 22.01
CA ILE A 1592 19.84 6.18 20.55
C ILE A 1592 20.02 7.57 19.97
N ALA A 1593 19.82 8.61 20.78
CA ALA A 1593 19.93 9.98 20.29
C ALA A 1593 21.34 10.30 19.79
N ARG A 1594 22.33 9.51 20.16
CA ARG A 1594 23.68 9.72 19.67
C ARG A 1594 23.82 9.44 18.18
N VAL A 1595 22.80 8.86 17.56
CA VAL A 1595 22.80 8.69 16.11
C VAL A 1595 22.67 10.02 15.40
N LEU A 1596 22.00 10.98 16.04
CA LEU A 1596 21.73 12.27 15.42
C LEU A 1596 22.99 13.01 15.00
N LYS A 1597 24.13 12.69 15.62
CA LYS A 1597 25.37 13.34 15.22
C LYS A 1597 25.76 13.03 13.79
N LEU A 1598 25.21 11.99 13.19
CA LEU A 1598 25.47 11.72 11.78
C LEU A 1598 24.78 12.72 10.87
N LEU A 1599 23.86 13.52 11.40
CA LEU A 1599 23.13 14.45 10.56
C LEU A 1599 24.01 15.59 10.04
N LYS A 1600 25.03 16.00 10.79
CA LYS A 1600 25.86 17.10 10.35
C LYS A 1600 26.60 16.75 9.07
N MET A 1601 27.10 15.51 8.97
CA MET A 1601 27.85 15.09 7.80
C MET A 1601 26.94 14.80 6.62
N ALA A 1602 25.71 14.36 6.88
CA ALA A 1602 24.79 14.01 5.81
C ALA A 1602 24.11 15.24 5.25
N THR A 1603 24.80 15.99 4.39
CA THR A 1603 24.21 17.19 3.82
C THR A 1603 23.04 16.86 2.89
N GLY A 1604 23.11 15.71 2.21
CA GLY A 1604 22.00 15.32 1.37
C GLY A 1604 20.74 15.01 2.14
N MET A 1605 20.89 14.35 3.29
CA MET A 1605 19.74 14.14 4.18
C MET A 1605 19.15 15.47 4.62
N ARG A 1606 19.99 16.42 5.03
CA ARG A 1606 19.48 17.71 5.44
C ARG A 1606 18.74 18.39 4.30
N ALA A 1607 19.30 18.33 3.09
CA ALA A 1607 18.64 18.98 1.95
C ALA A 1607 17.29 18.35 1.66
N LEU A 1608 17.23 17.01 1.64
CA LEU A 1608 15.98 16.32 1.35
C LEU A 1608 14.94 16.60 2.41
N LEU A 1609 15.33 16.52 3.69
CA LEU A 1609 14.37 16.76 4.75
C LEU A 1609 13.92 18.21 4.77
N ASP A 1610 14.82 19.14 4.44
CA ASP A 1610 14.41 20.52 4.28
C ASP A 1610 13.37 20.66 3.19
N THR A 1611 13.65 20.11 2.01
CA THR A 1611 12.69 20.15 0.91
C THR A 1611 11.35 19.60 1.33
N VAL A 1612 11.35 18.62 2.24
CA VAL A 1612 10.10 18.27 2.90
C VAL A 1612 9.58 19.45 3.73
N VAL A 1613 10.49 20.13 4.45
CA VAL A 1613 10.08 21.11 5.45
C VAL A 1613 9.34 22.28 4.81
N GLN A 1614 9.86 22.83 3.72
CA GLN A 1614 9.11 23.96 3.16
C GLN A 1614 7.86 23.54 2.40
N ALA A 1615 7.41 22.30 2.54
CA ALA A 1615 6.09 21.90 2.08
C ALA A 1615 5.06 21.88 3.20
N LEU A 1616 5.48 22.08 4.46
CA LEU A 1616 4.59 22.01 5.62
C LEU A 1616 3.42 23.00 5.65
N PRO A 1617 3.43 24.12 4.96
CA PRO A 1617 2.17 24.85 4.84
C PRO A 1617 1.08 23.98 4.22
N GLN A 1618 1.33 23.53 2.99
CA GLN A 1618 0.37 22.69 2.29
C GLN A 1618 0.17 21.37 3.01
N VAL A 1619 1.26 20.69 3.38
CA VAL A 1619 1.14 19.40 4.03
C VAL A 1619 0.40 19.52 5.36
N GLY A 1620 0.65 20.61 6.08
CA GLY A 1620 -0.02 20.81 7.35
C GLY A 1620 -1.51 21.04 7.20
N ASN A 1621 -1.91 21.87 6.23
CA ASN A 1621 -3.34 22.07 6.01
C ASN A 1621 -4.00 20.80 5.52
N LEU A 1622 -3.34 20.05 4.64
CA LEU A 1622 -3.89 18.77 4.21
C LEU A 1622 -3.99 17.78 5.37
N GLY A 1623 -3.01 17.76 6.27
CA GLY A 1623 -3.13 16.89 7.42
C GLY A 1623 -4.27 17.29 8.34
N LEU A 1624 -4.48 18.60 8.49
CA LEU A 1624 -5.61 19.07 9.27
C LEU A 1624 -6.94 18.64 8.65
N LEU A 1625 -7.04 18.77 7.32
CA LEU A 1625 -8.25 18.32 6.62
C LEU A 1625 -8.41 16.82 6.73
N PHE A 1626 -7.31 16.09 6.72
CA PHE A 1626 -7.32 14.64 6.82
C PHE A 1626 -7.81 14.19 8.20
N MET A 1627 -7.38 14.92 9.24
CA MET A 1627 -7.90 14.67 10.58
C MET A 1627 -9.37 15.04 10.69
N LEU A 1628 -9.78 16.12 10.02
CA LEU A 1628 -11.21 16.46 9.99
C LEU A 1628 -12.02 15.38 9.30
N LEU A 1629 -11.46 14.80 8.24
CA LEU A 1629 -12.11 13.69 7.55
C LEU A 1629 -12.29 12.50 8.48
N PHE A 1630 -11.24 12.15 9.23
CA PHE A 1630 -11.40 11.15 10.27
C PHE A 1630 -12.46 11.53 11.28
N PHE A 1631 -12.53 12.81 11.65
CA PHE A 1631 -13.50 13.20 12.67
C PHE A 1631 -14.92 12.98 12.18
N ILE A 1632 -15.22 13.46 10.97
CA ILE A 1632 -16.55 13.27 10.40
C ILE A 1632 -16.87 11.79 10.31
N TYR A 1633 -15.96 11.02 9.72
CA TYR A 1633 -16.27 9.61 9.47
C TYR A 1633 -16.29 8.81 10.76
N ALA A 1634 -15.57 9.26 11.79
CA ALA A 1634 -15.60 8.59 13.08
C ALA A 1634 -16.92 8.82 13.79
N ALA A 1635 -17.40 10.06 13.80
CA ALA A 1635 -18.71 10.32 14.40
C ALA A 1635 -19.79 9.57 13.64
N LEU A 1636 -19.72 9.57 12.32
CA LEU A 1636 -20.72 8.88 11.51
C LEU A 1636 -20.67 7.38 11.76
N GLY A 1637 -19.47 6.82 11.87
CA GLY A 1637 -19.34 5.40 12.17
C GLY A 1637 -19.82 5.04 13.55
N VAL A 1638 -19.61 5.93 14.52
CA VAL A 1638 -20.11 5.68 15.86
C VAL A 1638 -21.63 5.61 15.83
N GLU A 1639 -22.27 6.54 15.10
CA GLU A 1639 -23.73 6.51 15.06
C GLU A 1639 -24.26 5.32 14.28
N LEU A 1640 -23.60 4.92 13.21
CA LEU A 1640 -24.11 3.82 12.39
C LEU A 1640 -23.82 2.47 13.03
N PHE A 1641 -22.55 2.22 13.35
CA PHE A 1641 -22.03 0.90 13.64
C PHE A 1641 -21.81 0.65 15.12
N GLY A 1642 -22.20 1.60 15.97
CA GLY A 1642 -21.79 1.53 17.37
C GLY A 1642 -22.41 0.36 18.11
N LYS A 1643 -23.50 -0.17 17.58
CA LYS A 1643 -24.19 -1.27 18.25
C LYS A 1643 -23.81 -2.64 17.71
N LEU A 1644 -22.88 -2.72 16.76
CA LEU A 1644 -22.41 -4.03 16.28
C LEU A 1644 -21.58 -4.68 17.35
N VAL A 1645 -22.15 -5.68 18.01
CA VAL A 1645 -21.46 -6.39 19.09
C VAL A 1645 -20.39 -7.28 18.49
N CYS A 1646 -19.25 -7.36 19.17
CA CYS A 1646 -18.15 -8.24 18.76
C CYS A 1646 -17.85 -9.21 19.89
N ASN A 1647 -18.19 -10.47 19.69
CA ASN A 1647 -18.02 -11.50 20.70
C ASN A 1647 -18.09 -12.87 20.04
N ASP A 1648 -18.18 -13.92 20.85
CA ASP A 1648 -18.14 -15.28 20.31
C ASP A 1648 -19.34 -15.57 19.42
N GLU A 1649 -20.52 -15.12 19.81
CA GLU A 1649 -21.71 -15.37 19.00
C GLU A 1649 -21.65 -14.64 17.67
N ASN A 1650 -20.83 -13.59 17.57
CA ASN A 1650 -20.66 -12.82 16.34
C ASN A 1650 -19.17 -12.77 16.01
N PRO A 1651 -18.67 -13.78 15.32
CA PRO A 1651 -17.24 -13.85 15.06
C PRO A 1651 -16.75 -12.74 14.15
N CYS A 1652 -16.05 -11.77 14.72
CA CYS A 1652 -15.54 -10.66 13.95
C CYS A 1652 -14.35 -11.09 13.09
N GLU A 1653 -13.97 -10.21 12.17
CA GLU A 1653 -12.79 -10.42 11.35
C GLU A 1653 -11.84 -9.23 11.33
N GLY A 1654 -12.36 -8.02 11.41
CA GLY A 1654 -11.51 -6.86 11.34
C GLY A 1654 -11.51 -6.02 12.60
N MET A 1655 -12.62 -6.01 13.33
CA MET A 1655 -12.73 -5.27 14.58
C MET A 1655 -12.40 -6.21 15.71
N SER A 1656 -11.12 -6.33 16.05
CA SER A 1656 -10.69 -7.40 16.95
C SER A 1656 -10.88 -7.03 18.42
N ARG A 1657 -10.10 -6.07 18.92
CA ARG A 1657 -10.19 -5.75 20.35
C ARG A 1657 -10.52 -4.29 20.61
N HIS A 1658 -9.77 -3.38 20.00
CA HIS A 1658 -10.03 -1.95 20.13
C HIS A 1658 -10.46 -1.31 18.81
N ALA A 1659 -10.69 -2.11 17.78
CA ALA A 1659 -11.10 -1.57 16.50
C ALA A 1659 -12.61 -1.43 16.36
N THR A 1660 -13.40 -1.95 17.29
CA THR A 1660 -14.83 -1.84 17.14
C THR A 1660 -15.27 -0.38 17.27
N PHE A 1661 -16.42 -0.07 16.69
CA PHE A 1661 -16.91 1.30 16.58
C PHE A 1661 -17.64 1.78 17.82
N GLU A 1662 -17.39 1.17 18.98
CA GLU A 1662 -18.20 1.47 20.17
C GLU A 1662 -18.05 2.93 20.58
N ASN A 1663 -16.85 3.33 20.96
CA ASN A 1663 -16.62 4.70 21.42
C ASN A 1663 -16.06 5.52 20.26
N PHE A 1664 -15.81 6.80 20.51
CA PHE A 1664 -15.27 7.64 19.45
C PHE A 1664 -13.81 7.31 19.17
N GLY A 1665 -12.99 7.17 20.21
CA GLY A 1665 -11.60 6.84 19.99
C GLY A 1665 -11.40 5.44 19.46
N MET A 1666 -12.18 4.48 19.98
CA MET A 1666 -12.08 3.11 19.51
C MET A 1666 -12.56 2.95 18.08
N ALA A 1667 -13.30 3.93 17.56
CA ALA A 1667 -13.61 3.99 16.14
C ALA A 1667 -12.62 4.83 15.36
N PHE A 1668 -11.99 5.80 16.00
CA PHE A 1668 -10.97 6.58 15.33
C PHE A 1668 -9.79 5.70 14.98
N LEU A 1669 -9.48 4.75 15.87
CA LEU A 1669 -8.43 3.78 15.58
C LEU A 1669 -8.75 2.94 14.35
N THR A 1670 -9.99 2.45 14.25
CA THR A 1670 -10.30 1.60 13.10
C THR A 1670 -10.42 2.39 11.82
N LEU A 1671 -10.83 3.67 11.89
CA LEU A 1671 -10.74 4.50 10.70
C LEU A 1671 -9.29 4.70 10.29
N PHE A 1672 -8.39 4.86 11.25
CA PHE A 1672 -6.98 4.91 10.89
C PHE A 1672 -6.53 3.62 10.22
N GLN A 1673 -6.95 2.48 10.75
CA GLN A 1673 -6.54 1.21 10.19
C GLN A 1673 -7.07 1.02 8.77
N VAL A 1674 -8.35 1.39 8.55
CA VAL A 1674 -8.90 1.34 7.20
C VAL A 1674 -8.15 2.26 6.28
N SER A 1675 -7.74 3.44 6.78
CA SER A 1675 -6.95 4.34 5.95
C SER A 1675 -5.67 3.69 5.46
N THR A 1676 -5.09 2.80 6.25
CA THR A 1676 -3.91 2.07 5.82
C THR A 1676 -4.23 0.88 4.94
N GLY A 1677 -5.51 0.55 4.77
CA GLY A 1677 -5.87 -0.58 3.95
C GLY A 1677 -5.37 -1.90 4.48
N ASP A 1678 -5.33 -2.05 5.78
CA ASP A 1678 -4.91 -3.30 6.41
C ASP A 1678 -6.17 -4.00 6.93
N ASN A 1679 -6.60 -5.03 6.21
CA ASN A 1679 -7.77 -5.82 6.60
C ASN A 1679 -9.03 -4.97 6.69
N TRP A 1680 -9.07 -3.89 5.91
CA TRP A 1680 -10.26 -3.05 5.93
C TRP A 1680 -11.45 -3.79 5.32
N ASN A 1681 -11.19 -4.62 4.30
CA ASN A 1681 -12.26 -5.44 3.74
C ASN A 1681 -12.83 -6.37 4.79
N GLY A 1682 -11.99 -6.82 5.73
CA GLY A 1682 -12.51 -7.60 6.85
C GLY A 1682 -13.45 -6.78 7.71
N ILE A 1683 -13.10 -5.53 7.95
CA ILE A 1683 -13.96 -4.66 8.74
C ILE A 1683 -15.30 -4.47 8.04
N MET A 1684 -15.28 -4.19 6.74
CA MET A 1684 -16.53 -3.98 6.02
C MET A 1684 -17.33 -5.27 5.88
N LYS A 1685 -16.67 -6.42 5.85
CA LYS A 1685 -17.39 -7.69 5.96
C LYS A 1685 -18.04 -7.82 7.33
N ASP A 1686 -17.39 -7.29 8.37
CA ASP A 1686 -17.93 -7.37 9.71
C ASP A 1686 -19.18 -6.51 9.85
N THR A 1687 -19.16 -5.30 9.27
CA THR A 1687 -20.30 -4.40 9.41
C THR A 1687 -21.55 -4.98 8.76
N LEU A 1688 -21.44 -5.38 7.50
CA LEU A 1688 -22.57 -5.97 6.79
C LEU A 1688 -22.69 -7.42 7.23
N ARG A 1689 -23.55 -7.68 8.19
CA ARG A 1689 -23.62 -8.99 8.83
C ARG A 1689 -25.01 -9.16 9.42
N ASP A 1690 -25.76 -10.14 8.92
CA ASP A 1690 -27.09 -10.42 9.45
C ASP A 1690 -26.95 -11.15 10.78
N CYS A 1691 -27.51 -10.58 11.83
CA CYS A 1691 -27.37 -11.10 13.18
C CYS A 1691 -28.51 -12.07 13.48
N THR A 1692 -28.40 -12.78 14.60
CA THR A 1692 -29.41 -13.74 15.02
C THR A 1692 -30.54 -13.09 15.83
N HIS A 1693 -31.08 -12.01 15.25
CA HIS A 1693 -32.21 -11.27 15.82
C HIS A 1693 -31.93 -10.78 17.25
N ASP A 1694 -30.72 -10.29 17.50
CA ASP A 1694 -30.48 -9.56 18.74
C ASP A 1694 -30.51 -8.05 18.55
N GLU A 1695 -30.70 -7.57 17.32
CA GLU A 1695 -30.80 -6.13 17.07
C GLU A 1695 -31.50 -5.90 15.74
N ARG A 1696 -32.00 -4.67 15.57
CA ARG A 1696 -32.62 -4.28 14.31
C ARG A 1696 -31.59 -3.78 13.30
N SER A 1697 -30.40 -3.36 13.76
CA SER A 1697 -29.39 -2.85 12.85
C SER A 1697 -28.94 -3.93 11.87
N CYS A 1698 -28.75 -5.16 12.35
CA CYS A 1698 -28.38 -6.25 11.47
C CYS A 1698 -29.47 -6.54 10.46
N LEU A 1699 -30.70 -6.11 10.74
CA LEU A 1699 -31.81 -6.21 9.82
C LEU A 1699 -32.17 -4.87 9.18
N SER A 1700 -31.39 -3.83 9.46
CA SER A 1700 -31.61 -2.49 8.91
C SER A 1700 -31.05 -2.37 7.50
N SER A 1701 -30.89 -1.14 7.02
CA SER A 1701 -30.40 -0.87 5.68
C SER A 1701 -28.88 -0.83 5.61
N LEU A 1702 -28.20 -1.55 6.50
CA LEU A 1702 -26.74 -1.51 6.55
C LEU A 1702 -26.11 -1.95 5.24
N GLN A 1703 -26.71 -2.90 4.53
CA GLN A 1703 -26.11 -3.38 3.29
C GLN A 1703 -26.03 -2.27 2.25
N PHE A 1704 -26.94 -1.30 2.30
CA PHE A 1704 -26.89 -0.20 1.35
C PHE A 1704 -25.82 0.82 1.71
N VAL A 1705 -25.57 1.03 3.01
CA VAL A 1705 -24.85 2.19 3.46
C VAL A 1705 -23.41 1.88 3.87
N SER A 1706 -23.13 0.71 4.45
CA SER A 1706 -21.76 0.43 4.86
C SER A 1706 -20.79 0.39 3.69
N PRO A 1707 -21.08 -0.26 2.55
CA PRO A 1707 -20.15 -0.14 1.42
C PRO A 1707 -19.98 1.29 0.96
N LEU A 1708 -21.04 2.09 0.95
CA LEU A 1708 -20.89 3.50 0.58
C LEU A 1708 -19.98 4.23 1.56
N TYR A 1709 -20.18 3.99 2.85
CA TYR A 1709 -19.35 4.59 3.88
C TYR A 1709 -17.88 4.27 3.67
N PHE A 1710 -17.56 2.98 3.53
CA PHE A 1710 -16.16 2.59 3.44
C PHE A 1710 -15.53 2.99 2.11
N VAL A 1711 -16.27 2.86 1.01
CA VAL A 1711 -15.73 3.27 -0.28
C VAL A 1711 -15.44 4.75 -0.29
N SER A 1712 -16.38 5.56 0.20
CA SER A 1712 -16.15 7.00 0.24
C SER A 1712 -14.95 7.33 1.11
N PHE A 1713 -14.85 6.70 2.30
CA PHE A 1713 -13.73 7.01 3.17
C PHE A 1713 -12.40 6.65 2.54
N VAL A 1714 -12.31 5.45 1.96
CA VAL A 1714 -11.04 5.00 1.39
C VAL A 1714 -10.64 5.90 0.23
N LEU A 1715 -11.59 6.22 -0.64
CA LEU A 1715 -11.26 7.07 -1.79
C LEU A 1715 -10.83 8.45 -1.33
N THR A 1716 -11.54 9.05 -0.38
CA THR A 1716 -11.18 10.39 0.08
C THR A 1716 -9.82 10.39 0.77
N ALA A 1717 -9.57 9.41 1.62
CA ALA A 1717 -8.29 9.35 2.32
C ALA A 1717 -7.14 9.17 1.32
N GLN A 1718 -7.30 8.26 0.37
CA GLN A 1718 -6.25 8.05 -0.62
C GLN A 1718 -6.03 9.29 -1.46
N PHE A 1719 -7.11 10.02 -1.77
CA PHE A 1719 -6.94 11.25 -2.54
C PHE A 1719 -6.17 12.29 -1.75
N VAL A 1720 -6.47 12.46 -0.47
CA VAL A 1720 -5.76 13.44 0.34
C VAL A 1720 -4.28 13.07 0.43
N LEU A 1721 -3.98 11.78 0.64
CA LEU A 1721 -2.58 11.37 0.69
C LEU A 1721 -1.88 11.56 -0.65
N ILE A 1722 -2.59 11.30 -1.75
CA ILE A 1722 -2.02 11.55 -3.06
C ILE A 1722 -1.64 13.02 -3.19
N ASN A 1723 -2.50 13.92 -2.73
CA ASN A 1723 -2.17 15.33 -2.85
C ASN A 1723 -1.03 15.74 -1.92
N VAL A 1724 -0.91 15.12 -0.74
CA VAL A 1724 0.24 15.40 0.11
C VAL A 1724 1.53 15.02 -0.61
N VAL A 1725 1.55 13.82 -1.19
CA VAL A 1725 2.74 13.37 -1.92
C VAL A 1725 3.00 14.30 -3.11
N VAL A 1726 1.95 14.74 -3.78
CA VAL A 1726 2.12 15.63 -4.91
C VAL A 1726 2.77 16.94 -4.48
N ALA A 1727 2.29 17.51 -3.37
CA ALA A 1727 2.86 18.76 -2.90
C ALA A 1727 4.34 18.60 -2.56
N VAL A 1728 4.70 17.50 -1.91
CA VAL A 1728 6.11 17.27 -1.62
C VAL A 1728 6.91 17.17 -2.92
N LEU A 1729 6.37 16.46 -3.91
CA LEU A 1729 7.04 16.32 -5.19
C LEU A 1729 7.25 17.68 -5.85
N MET A 1730 6.27 18.56 -5.70
CA MET A 1730 6.38 19.87 -6.34
C MET A 1730 7.43 20.73 -5.67
N LYS A 1731 7.49 20.73 -4.35
CA LYS A 1731 8.58 21.43 -3.68
C LYS A 1731 9.92 20.85 -4.11
N HIS A 1732 9.98 19.54 -4.31
CA HIS A 1732 11.21 18.90 -4.77
C HIS A 1732 11.64 19.41 -6.13
N LEU A 1733 10.72 19.42 -7.10
CA LEU A 1733 11.07 19.89 -8.44
C LEU A 1733 11.44 21.38 -8.43
N ASP A 1734 10.69 22.20 -7.70
CA ASP A 1734 11.03 23.62 -7.67
C ASP A 1734 12.40 23.85 -7.05
N ASP A 1735 12.73 23.12 -5.99
CA ASP A 1735 14.08 23.21 -5.43
C ASP A 1735 15.13 22.77 -6.44
N SER A 1736 14.81 21.74 -7.24
CA SER A 1736 15.76 21.29 -8.25
C SER A 1736 16.02 22.35 -9.31
N ASN A 1737 14.98 23.11 -9.69
CA ASN A 1737 15.16 24.13 -10.71
C ASN A 1737 16.10 25.23 -10.24
N LYS A 1738 15.98 25.65 -8.98
CA LYS A 1738 16.89 26.66 -8.43
C LYS A 1738 18.21 26.02 -8.01
#